data_8XDC
#
_entry.id   8XDC
#
loop_
_entity.id
_entity.type
_entity.pdbx_description
1 polymer 'Urea transporter 2'
2 non-polymer N-[3-[1,1-bis(oxidanylidene)-1,2-thiazolidin-2-yl]-4-chloranyl-phenyl]-2-methoxy-5-methyl-benzenesulfonamide
#
_entity_poly.entity_id   1
_entity_poly.type   'polypeptide(L)'
_entity_poly.pdbx_seq_one_letter_code
;MEESSEIKVETNISKTSWIRSSMAASGKRVSKALSYITGEMKECGEGLKDKSPVFQFFDWVLRGTSQVMFVNNPLSGILI
ILGLFIQNPWWAISGCLGTIMSTLTALILSQDKSAIAAGFHGYNGVLVGLLMAVFSDKGDYYWWLLLPVIIMSMSCPILS
SALGTIFSKWDLPVFTLPFNITVTLYLAATGHYNLFFPTTLLQPASAMPNITWSEVQVPLLLRAIPVGIGQVYGCDNPWT
GGIFLIALFISSPLICLHAAIGSTMGMLAALTIATPFDSIYFGLCGFNSTLACIAIGGMFYVITWQTHLLAIACALFAAY
LGAALANMLSVFGLPPCTWPFCLSALTFLLLTTNNPAIYKLPLSKVTYPEANRIYYLSQERNRRASIITKYQAYDVS
;
_entity_poly.pdbx_strand_id   A,B,C
#
# COMPACT_ATOMS: atom_id res chain seq x y z
N LYS A 51 37.30 21.35 -15.28
CA LYS A 51 36.17 22.22 -15.59
C LYS A 51 35.67 22.92 -14.33
N SER A 52 35.04 24.08 -14.53
CA SER A 52 34.53 24.86 -13.40
C SER A 52 33.40 24.09 -12.70
N PRO A 53 33.25 24.27 -11.39
CA PRO A 53 32.17 23.55 -10.68
C PRO A 53 30.78 23.85 -11.23
N VAL A 54 30.54 25.06 -11.73
CA VAL A 54 29.23 25.37 -12.29
C VAL A 54 28.98 24.54 -13.54
N PHE A 55 29.99 24.39 -14.39
CA PHE A 55 29.83 23.54 -15.57
C PHE A 55 29.59 22.09 -15.18
N GLN A 56 30.27 21.62 -14.13
CA GLN A 56 30.03 20.26 -13.64
C GLN A 56 28.61 20.10 -13.15
N PHE A 57 28.09 21.09 -12.42
CA PHE A 57 26.73 21.01 -11.92
C PHE A 57 25.72 21.00 -13.06
N PHE A 58 25.93 21.83 -14.08
CA PHE A 58 25.02 21.81 -15.21
C PHE A 58 25.15 20.52 -16.02
N ASP A 59 26.33 19.91 -16.05
CA ASP A 59 26.46 18.58 -16.64
C ASP A 59 25.64 17.56 -15.87
N TRP A 60 25.68 17.63 -14.54
CA TRP A 60 24.86 16.73 -13.72
C TRP A 60 23.39 16.94 -14.00
N VAL A 61 22.97 18.20 -14.13
CA VAL A 61 21.56 18.50 -14.41
C VAL A 61 21.16 17.96 -15.78
N LEU A 62 22.03 18.11 -16.77
CA LEU A 62 21.74 17.62 -18.12
C LEU A 62 21.64 16.10 -18.15
N ARG A 63 22.50 15.41 -17.40
CA ARG A 63 22.37 13.96 -17.32
C ARG A 63 21.12 13.54 -16.57
N GLY A 64 20.75 14.30 -15.54
CA GLY A 64 19.53 13.98 -14.80
C GLY A 64 18.28 14.15 -15.64
N THR A 65 18.21 15.21 -16.43
CA THR A 65 17.00 15.43 -17.23
C THR A 65 16.82 14.38 -18.31
N SER A 66 17.86 13.60 -18.61
CA SER A 66 17.74 12.51 -19.57
C SER A 66 17.66 11.15 -18.91
N GLN A 67 18.05 11.04 -17.63
CA GLN A 67 17.97 9.77 -16.92
C GLN A 67 16.54 9.25 -16.77
N VAL A 68 15.54 10.12 -17.00
CA VAL A 68 14.16 9.65 -16.95
C VAL A 68 13.95 8.53 -17.95
N MET A 69 14.46 8.69 -19.16
CA MET A 69 14.36 7.69 -20.21
C MET A 69 15.49 6.68 -20.16
N PHE A 70 16.19 6.59 -19.02
CA PHE A 70 17.21 5.58 -18.77
C PHE A 70 18.45 5.78 -19.63
N VAL A 71 18.79 7.03 -19.96
CA VAL A 71 19.99 7.34 -20.72
C VAL A 71 20.83 8.33 -19.93
N ASN A 72 22.13 8.07 -19.83
CA ASN A 72 23.07 8.94 -19.16
C ASN A 72 23.96 9.57 -20.23
N ASN A 73 23.47 10.67 -20.79
CA ASN A 73 24.19 11.33 -21.88
C ASN A 73 23.85 12.82 -21.89
N PRO A 74 24.83 13.70 -21.71
CA PRO A 74 24.52 15.14 -21.68
C PRO A 74 23.91 15.65 -22.97
N LEU A 75 24.32 15.12 -24.13
CA LEU A 75 23.74 15.57 -25.39
C LEU A 75 22.27 15.17 -25.48
N SER A 76 21.93 13.96 -25.04
CA SER A 76 20.53 13.56 -25.01
C SER A 76 19.75 14.42 -24.02
N GLY A 77 20.39 14.82 -22.92
CA GLY A 77 19.75 15.75 -22.01
C GLY A 77 19.45 17.09 -22.65
N ILE A 78 20.41 17.61 -23.43
CA ILE A 78 20.19 18.87 -24.13
C ILE A 78 19.04 18.71 -25.13
N LEU A 79 19.01 17.60 -25.86
CA LEU A 79 17.92 17.37 -26.80
C LEU A 79 16.57 17.30 -26.11
N ILE A 80 16.52 16.62 -24.95
CA ILE A 80 15.25 16.52 -24.22
C ILE A 80 14.82 17.88 -23.69
N ILE A 81 15.77 18.69 -23.21
CA ILE A 81 15.44 20.04 -22.76
C ILE A 81 14.91 20.87 -23.92
N LEU A 82 15.53 20.74 -25.09
CA LEU A 82 15.04 21.44 -26.27
C LEU A 82 13.64 20.99 -26.64
N GLY A 83 13.35 19.70 -26.50
CA GLY A 83 12.00 19.22 -26.74
C GLY A 83 11.00 19.79 -25.77
N LEU A 84 11.37 19.84 -24.49
CA LEU A 84 10.47 20.42 -23.48
C LEU A 84 10.20 21.89 -23.77
N PHE A 85 11.21 22.63 -24.22
CA PHE A 85 11.00 24.03 -24.56
C PHE A 85 10.17 24.16 -25.84
N ILE A 86 10.30 23.21 -26.77
CA ILE A 86 9.48 23.22 -27.97
C ILE A 86 8.01 23.03 -27.59
N GLN A 87 7.73 22.11 -26.67
CA GLN A 87 6.35 21.82 -26.31
C GLN A 87 5.73 22.98 -25.52
N ASN A 88 6.35 23.34 -24.39
CA ASN A 88 5.87 24.46 -23.57
C ASN A 88 7.02 25.04 -22.75
N PRO A 89 7.40 26.30 -23.00
CA PRO A 89 8.51 26.87 -22.24
C PRO A 89 8.29 26.91 -20.75
N TRP A 90 7.06 27.13 -20.29
CA TRP A 90 6.79 27.19 -18.85
C TRP A 90 7.05 25.85 -18.20
N TRP A 91 6.62 24.76 -18.84
CA TRP A 91 6.88 23.43 -18.30
C TRP A 91 8.39 23.15 -18.28
N ALA A 92 9.11 23.62 -19.29
CA ALA A 92 10.56 23.44 -19.31
C ALA A 92 11.23 24.18 -18.16
N ILE A 93 10.78 25.40 -17.88
CA ILE A 93 11.33 26.16 -16.76
C ILE A 93 11.06 25.45 -15.44
N SER A 94 9.81 24.98 -15.27
CA SER A 94 9.46 24.28 -14.04
C SER A 94 10.27 22.99 -13.87
N GLY A 95 10.44 22.24 -14.95
CA GLY A 95 11.22 21.02 -14.87
C GLY A 95 12.69 21.27 -14.60
N CYS A 96 13.26 22.31 -15.22
CA CYS A 96 14.65 22.64 -14.97
C CYS A 96 14.86 23.07 -13.52
N LEU A 97 13.92 23.86 -12.98
CA LEU A 97 14.01 24.23 -11.57
C LEU A 97 13.91 23.01 -10.67
N GLY A 98 13.01 22.07 -11.01
CA GLY A 98 12.91 20.85 -10.24
C GLY A 98 14.20 20.06 -10.24
N THR A 99 14.83 19.90 -11.41
CA THR A 99 16.09 19.17 -11.49
C THR A 99 17.17 19.87 -10.68
N ILE A 100 17.26 21.19 -10.81
CA ILE A 100 18.31 21.94 -10.12
C ILE A 100 18.15 21.78 -8.61
N MET A 101 16.92 21.90 -8.11
CA MET A 101 16.73 21.82 -6.67
C MET A 101 16.87 20.39 -6.16
N SER A 102 16.50 19.39 -6.96
CA SER A 102 16.72 18.01 -6.55
C SER A 102 18.20 17.69 -6.45
N THR A 103 19.00 18.13 -7.42
CA THR A 103 20.43 17.89 -7.35
C THR A 103 21.07 18.67 -6.21
N LEU A 104 20.60 19.90 -5.97
CA LEU A 104 21.12 20.67 -4.84
C LEU A 104 20.79 20.02 -3.51
N THR A 105 19.59 19.46 -3.37
CA THR A 105 19.26 18.75 -2.15
C THR A 105 20.07 17.47 -2.01
N ALA A 106 20.37 16.80 -3.13
CA ALA A 106 21.25 15.63 -3.07
C ALA A 106 22.64 16.02 -2.58
N LEU A 107 23.16 17.15 -3.06
CA LEU A 107 24.46 17.63 -2.58
C LEU A 107 24.39 18.01 -1.10
N ILE A 108 23.33 18.70 -0.70
CA ILE A 108 23.20 19.16 0.68
C ILE A 108 23.13 17.98 1.64
N LEU A 109 22.33 16.97 1.29
CA LEU A 109 22.17 15.79 2.11
C LEU A 109 23.35 14.83 2.01
N SER A 110 24.44 15.26 1.40
CA SER A 110 25.69 14.49 1.35
C SER A 110 25.47 13.09 0.80
N GLN A 111 24.75 13.00 -0.30
CA GLN A 111 24.56 11.75 -1.00
C GLN A 111 25.81 11.41 -1.82
N ASP A 112 25.86 10.18 -2.30
CA ASP A 112 27.03 9.69 -3.02
C ASP A 112 27.33 10.57 -4.22
N LYS A 113 28.59 10.98 -4.36
CA LYS A 113 28.95 11.90 -5.43
C LYS A 113 28.86 11.22 -6.79
N SER A 114 29.13 9.91 -6.84
CA SER A 114 28.98 9.19 -8.10
C SER A 114 27.53 9.14 -8.54
N ALA A 115 26.60 8.99 -7.60
CA ALA A 115 25.19 8.99 -7.95
C ALA A 115 24.77 10.34 -8.52
N ILE A 116 25.20 11.43 -7.88
CA ILE A 116 24.85 12.77 -8.35
C ILE A 116 25.47 13.03 -9.72
N ALA A 117 26.74 12.65 -9.89
CA ALA A 117 27.42 12.92 -11.14
C ALA A 117 26.77 12.19 -12.31
N ALA A 118 26.18 11.03 -12.05
CA ALA A 118 25.48 10.27 -13.08
C ALA A 118 24.05 10.75 -13.29
N GLY A 119 23.62 11.76 -12.55
CA GLY A 119 22.27 12.28 -12.71
C GLY A 119 21.21 11.39 -12.10
N PHE A 120 21.57 10.53 -11.15
CA PHE A 120 20.61 9.63 -10.52
C PHE A 120 19.67 10.35 -9.56
N HIS A 121 19.96 11.61 -9.22
CA HIS A 121 19.09 12.37 -8.34
C HIS A 121 18.33 13.48 -9.05
N GLY A 122 18.80 13.91 -10.23
CA GLY A 122 18.13 14.96 -10.95
C GLY A 122 16.99 14.46 -11.82
N TYR A 123 16.88 13.15 -11.99
CA TYR A 123 15.87 12.62 -12.91
C TYR A 123 14.49 12.55 -12.28
N ASN A 124 14.37 12.86 -10.99
CA ASN A 124 13.07 12.92 -10.33
C ASN A 124 12.58 14.34 -10.16
N GLY A 125 13.48 15.30 -9.95
CA GLY A 125 13.08 16.69 -9.90
C GLY A 125 12.49 17.19 -11.19
N VAL A 126 13.03 16.74 -12.33
CA VAL A 126 12.48 17.17 -13.61
C VAL A 126 11.03 16.69 -13.75
N LEU A 127 10.77 15.45 -13.39
CA LEU A 127 9.40 14.93 -13.51
C LEU A 127 8.48 15.61 -12.50
N VAL A 128 8.97 15.87 -11.29
CA VAL A 128 8.14 16.55 -10.30
C VAL A 128 7.75 17.94 -10.80
N GLY A 129 8.74 18.72 -11.26
CA GLY A 129 8.43 20.05 -11.77
C GLY A 129 7.52 20.01 -12.98
N LEU A 130 7.82 19.14 -13.93
CA LEU A 130 7.03 19.07 -15.16
C LEU A 130 5.59 18.67 -14.87
N LEU A 131 5.39 17.66 -14.03
CA LEU A 131 4.04 17.17 -13.77
C LEU A 131 3.32 17.98 -12.71
N MET A 132 3.99 18.89 -12.02
CA MET A 132 3.26 19.86 -11.20
C MET A 132 2.90 21.10 -11.99
N ALA A 133 3.67 21.41 -13.04
CA ALA A 133 3.27 22.47 -13.96
C ALA A 133 2.19 22.02 -14.93
N VAL A 134 2.18 20.74 -15.30
CA VAL A 134 1.18 20.21 -16.22
C VAL A 134 -0.20 20.24 -15.60
N PHE A 135 -0.30 19.83 -14.34
CA PHE A 135 -1.58 19.70 -13.64
C PHE A 135 -1.90 20.91 -12.80
N SER A 136 -1.56 22.10 -13.27
CA SER A 136 -1.90 23.35 -12.58
C SER A 136 -3.04 24.03 -13.32
N ASP A 137 -4.05 24.45 -12.57
CA ASP A 137 -5.23 25.08 -13.16
C ASP A 137 -5.05 26.57 -13.39
N LYS A 138 -3.97 27.16 -12.89
CA LYS A 138 -3.73 28.59 -13.06
C LYS A 138 -3.09 28.95 -14.39
N GLY A 139 -2.85 27.97 -15.26
CA GLY A 139 -2.36 28.28 -16.58
C GLY A 139 -0.86 28.48 -16.64
N ASP A 140 -0.40 29.13 -17.69
CA ASP A 140 1.02 29.27 -17.97
C ASP A 140 1.62 30.45 -17.21
N TYR A 141 2.89 30.30 -16.85
CA TYR A 141 3.66 31.35 -16.19
C TYR A 141 2.99 31.86 -14.92
N TYR A 142 2.49 30.91 -14.13
CA TYR A 142 2.05 31.18 -12.76
C TYR A 142 3.27 31.03 -11.87
N TRP A 143 3.97 32.15 -11.64
CA TRP A 143 5.28 32.09 -11.00
C TRP A 143 5.23 31.53 -9.60
N TRP A 144 4.13 31.75 -8.87
CA TRP A 144 4.00 31.18 -7.53
C TRP A 144 4.12 29.66 -7.53
N LEU A 145 3.80 29.00 -8.64
CA LEU A 145 3.96 27.55 -8.73
C LEU A 145 5.40 27.12 -8.54
N LEU A 146 6.36 28.01 -8.76
CA LEU A 146 7.75 27.64 -8.54
C LEU A 146 8.06 27.46 -7.07
N LEU A 147 7.22 28.01 -6.18
CA LEU A 147 7.47 27.84 -4.75
C LEU A 147 7.30 26.38 -4.31
N PRO A 148 6.21 25.68 -4.67
CA PRO A 148 6.18 24.25 -4.34
C PRO A 148 7.10 23.42 -5.21
N VAL A 149 7.31 23.80 -6.46
CA VAL A 149 8.20 23.04 -7.35
C VAL A 149 9.57 22.88 -6.70
N ILE A 150 10.07 23.93 -6.07
CA ILE A 150 11.29 23.82 -5.29
C ILE A 150 11.09 22.84 -4.13
N ILE A 151 10.09 23.11 -3.27
CA ILE A 151 10.00 22.39 -2.00
C ILE A 151 9.83 20.89 -2.23
N MET A 152 8.86 20.51 -3.06
CA MET A 152 8.65 19.10 -3.33
C MET A 152 9.85 18.47 -4.03
N SER A 153 10.59 19.24 -4.83
CA SER A 153 11.81 18.70 -5.41
C SER A 153 12.81 18.31 -4.34
N MET A 154 12.91 19.10 -3.26
CA MET A 154 13.78 18.74 -2.16
C MET A 154 13.40 17.39 -1.55
N SER A 155 12.15 16.97 -1.72
CA SER A 155 11.73 15.69 -1.16
C SER A 155 12.03 14.51 -2.07
N CYS A 156 12.60 14.75 -3.25
CA CYS A 156 12.89 13.63 -4.13
C CYS A 156 14.14 12.87 -3.69
N PRO A 157 15.27 13.53 -3.39
CA PRO A 157 16.43 12.76 -2.89
C PRO A 157 16.13 11.98 -1.63
N ILE A 158 15.42 12.60 -0.68
CA ILE A 158 15.08 11.93 0.57
C ILE A 158 14.41 10.59 0.29
N LEU A 159 13.26 10.63 -0.40
CA LEU A 159 12.60 9.39 -0.78
C LEU A 159 13.53 8.49 -1.58
N SER A 160 14.28 9.07 -2.52
CA SER A 160 15.22 8.28 -3.31
C SER A 160 16.16 7.51 -2.39
N SER A 161 16.63 8.16 -1.33
CA SER A 161 17.46 7.43 -0.37
C SER A 161 16.63 6.40 0.38
N ALA A 162 15.46 6.80 0.88
CA ALA A 162 14.70 5.93 1.75
C ALA A 162 14.32 4.63 1.04
N LEU A 163 13.70 4.75 -0.13
CA LEU A 163 13.38 3.56 -0.91
C LEU A 163 14.61 2.73 -1.19
N GLY A 164 15.75 3.38 -1.43
CA GLY A 164 16.98 2.64 -1.64
C GLY A 164 17.29 1.71 -0.48
N THR A 165 17.18 2.24 0.75
CA THR A 165 17.41 1.40 1.92
C THR A 165 16.43 0.23 1.96
N ILE A 166 15.21 0.45 1.51
CA ILE A 166 14.23 -0.63 1.46
C ILE A 166 14.60 -1.63 0.37
N PHE A 167 15.12 -1.14 -0.76
CA PHE A 167 15.23 -1.97 -1.95
C PHE A 167 16.58 -2.66 -2.08
N SER A 168 17.62 -2.16 -1.42
CA SER A 168 18.94 -2.78 -1.53
C SER A 168 18.96 -4.21 -1.02
N LYS A 169 17.94 -4.60 -0.24
CA LYS A 169 17.86 -5.98 0.22
C LYS A 169 17.65 -6.94 -0.95
N TRP A 170 16.89 -6.51 -1.96
CA TRP A 170 16.61 -7.36 -3.12
C TRP A 170 17.38 -6.96 -4.36
N ASP A 171 18.37 -6.07 -4.19
CA ASP A 171 19.11 -5.55 -5.35
C ASP A 171 18.05 -5.02 -6.31
N LEU A 172 17.12 -4.23 -5.77
CA LEU A 172 16.02 -3.73 -6.58
C LEU A 172 16.16 -2.25 -6.82
N PRO A 173 15.96 -1.78 -8.10
CA PRO A 173 16.00 -0.33 -8.33
C PRO A 173 14.78 0.43 -7.92
N VAL A 174 14.94 1.65 -7.42
CA VAL A 174 13.81 2.49 -7.10
C VAL A 174 13.76 3.44 -8.24
N PHE A 175 12.92 3.20 -9.24
CA PHE A 175 13.00 4.09 -10.42
C PHE A 175 11.80 4.96 -10.72
N THR A 176 11.87 6.25 -10.35
CA THR A 176 10.78 7.23 -10.58
C THR A 176 9.72 7.04 -9.50
N LEU A 177 9.97 6.11 -8.58
CA LEU A 177 9.04 5.92 -7.47
C LEU A 177 8.95 7.15 -6.56
N PRO A 178 10.09 7.81 -6.25
CA PRO A 178 9.92 9.00 -5.42
C PRO A 178 9.12 10.08 -6.13
N PHE A 179 9.31 10.27 -7.44
CA PHE A 179 8.48 11.24 -8.14
C PHE A 179 7.00 10.92 -7.97
N ASN A 180 6.63 9.64 -8.07
CA ASN A 180 5.22 9.28 -7.91
C ASN A 180 4.72 9.69 -6.53
N ILE A 181 5.48 9.36 -5.49
CA ILE A 181 5.06 9.67 -4.13
C ILE A 181 4.98 11.17 -3.92
N THR A 182 6.00 11.91 -4.38
CA THR A 182 6.03 13.35 -4.17
C THR A 182 4.89 14.06 -4.90
N VAL A 183 4.66 13.69 -6.16
CA VAL A 183 3.63 14.37 -6.94
C VAL A 183 2.24 13.95 -6.48
N THR A 184 2.04 12.69 -6.10
CA THR A 184 0.77 12.30 -5.52
C THR A 184 0.51 13.05 -4.22
N LEU A 185 1.56 13.21 -3.40
CA LEU A 185 1.44 14.01 -2.18
C LEU A 185 1.01 15.43 -2.50
N TYR A 186 1.67 16.07 -3.47
CA TYR A 186 1.36 17.46 -3.79
C TYR A 186 -0.06 17.59 -4.36
N LEU A 187 -0.41 16.74 -5.32
CA LEU A 187 -1.69 16.87 -5.97
C LEU A 187 -2.84 16.51 -5.04
N ALA A 188 -2.61 15.64 -4.06
CA ALA A 188 -3.63 15.35 -3.08
C ALA A 188 -3.73 16.47 -2.04
N ALA A 189 -2.60 17.03 -1.62
CA ALA A 189 -2.63 18.12 -0.64
C ALA A 189 -3.33 19.34 -1.21
N THR A 190 -3.05 19.68 -2.46
CA THR A 190 -3.67 20.87 -3.05
C THR A 190 -5.08 20.57 -3.55
N GLY A 191 -5.20 19.68 -4.53
CA GLY A 191 -6.48 19.33 -5.07
C GLY A 191 -7.03 20.40 -5.99
N HIS A 192 -8.12 20.08 -6.68
CA HIS A 192 -8.72 21.01 -7.61
C HIS A 192 -9.34 22.21 -6.92
N TYR A 193 -9.75 22.07 -5.66
CA TYR A 193 -10.41 23.12 -4.92
C TYR A 193 -9.48 23.86 -3.98
N ASN A 194 -8.22 24.03 -4.37
CA ASN A 194 -7.27 24.77 -3.57
C ASN A 194 -7.33 26.26 -3.91
N LEU A 195 -7.11 27.10 -2.91
CA LEU A 195 -7.14 28.54 -3.12
C LEU A 195 -5.88 29.04 -3.80
N PHE A 196 -4.72 28.42 -3.51
CA PHE A 196 -3.43 28.92 -3.96
C PHE A 196 -2.93 28.21 -5.21
N PHE A 197 -2.87 26.88 -5.19
CA PHE A 197 -2.33 26.08 -6.29
C PHE A 197 -3.35 25.03 -6.70
N PRO A 198 -4.44 25.44 -7.34
CA PRO A 198 -5.44 24.45 -7.76
C PRO A 198 -4.92 23.59 -8.89
N THR A 199 -5.43 22.36 -8.95
CA THR A 199 -5.05 21.40 -9.98
C THR A 199 -6.24 21.11 -10.88
N THR A 200 -5.93 20.57 -12.07
CA THR A 200 -6.98 20.24 -13.01
C THR A 200 -7.88 19.15 -12.45
N LEU A 201 -9.15 19.20 -12.82
CA LEU A 201 -10.14 18.30 -12.27
C LEU A 201 -10.11 16.97 -12.99
N LEU A 202 -9.88 15.90 -12.23
CA LEU A 202 -10.00 14.53 -12.72
C LEU A 202 -11.05 13.83 -11.87
N GLN A 203 -12.04 13.24 -12.52
CA GLN A 203 -13.14 12.58 -11.81
C GLN A 203 -13.40 11.23 -12.47
N PRO A 204 -13.87 10.26 -11.69
CA PRO A 204 -14.06 8.92 -12.25
C PRO A 204 -15.12 8.89 -13.32
N ALA A 205 -14.97 7.97 -14.26
CA ALA A 205 -15.94 7.82 -15.33
C ALA A 205 -17.29 7.42 -14.76
N SER A 206 -18.33 8.15 -15.15
CA SER A 206 -19.68 7.90 -14.66
C SER A 206 -20.67 7.63 -15.78
N ALA A 207 -20.21 7.47 -17.00
CA ALA A 207 -21.08 7.19 -18.13
C ALA A 207 -20.37 6.26 -19.10
N MET A 208 -21.16 5.49 -19.83
CA MET A 208 -20.61 4.58 -20.81
C MET A 208 -20.09 5.38 -22.00
N PRO A 209 -18.84 5.19 -22.41
CA PRO A 209 -18.28 6.04 -23.46
C PRO A 209 -18.91 5.76 -24.81
N ASN A 210 -18.96 6.80 -25.63
CA ASN A 210 -19.49 6.71 -26.99
C ASN A 210 -18.31 6.57 -27.94
N ILE A 211 -18.04 5.34 -28.36
CA ILE A 211 -16.92 5.04 -29.25
C ILE A 211 -17.49 4.58 -30.58
N THR A 212 -17.08 5.25 -31.65
CA THR A 212 -17.47 4.88 -33.02
C THR A 212 -16.23 4.34 -33.70
N TRP A 213 -16.19 3.01 -33.90
CA TRP A 213 -15.01 2.38 -34.47
C TRP A 213 -14.86 2.66 -35.96
N SER A 214 -15.87 3.23 -36.62
CA SER A 214 -15.72 3.68 -37.99
C SER A 214 -15.03 5.03 -38.08
N GLU A 215 -14.89 5.75 -36.97
CA GLU A 215 -14.25 7.05 -36.94
C GLU A 215 -12.82 6.99 -36.42
N VAL A 216 -12.27 5.79 -36.22
CA VAL A 216 -10.89 5.68 -35.77
C VAL A 216 -9.95 6.10 -36.89
N GLN A 217 -8.90 6.84 -36.52
CA GLN A 217 -7.93 7.36 -37.48
C GLN A 217 -6.63 6.59 -37.31
N VAL A 218 -6.32 5.73 -38.28
CA VAL A 218 -5.05 5.00 -38.25
C VAL A 218 -3.85 5.94 -38.25
N PRO A 219 -3.81 7.02 -39.04
CA PRO A 219 -2.64 7.91 -38.96
C PRO A 219 -2.40 8.48 -37.57
N LEU A 220 -3.43 8.96 -36.89
CA LEU A 220 -3.24 9.43 -35.52
C LEU A 220 -2.94 8.29 -34.57
N LEU A 221 -3.51 7.11 -34.84
CA LEU A 221 -3.24 5.96 -33.99
C LEU A 221 -1.78 5.57 -34.05
N LEU A 222 -1.16 5.71 -35.22
CA LEU A 222 0.29 5.51 -35.35
C LEU A 222 1.08 6.66 -34.76
N ARG A 223 0.61 7.90 -34.98
CA ARG A 223 1.28 9.07 -34.41
C ARG A 223 1.26 9.06 -32.89
N ALA A 224 0.40 8.23 -32.29
CA ALA A 224 0.40 8.07 -30.85
C ALA A 224 1.67 7.42 -30.32
N ILE A 225 2.52 6.86 -31.19
CA ILE A 225 3.77 6.25 -30.75
C ILE A 225 4.76 7.32 -30.31
N PRO A 226 5.16 8.28 -31.17
CA PRO A 226 6.04 9.35 -30.66
C PRO A 226 5.39 10.18 -29.58
N VAL A 227 4.08 10.41 -29.67
CA VAL A 227 3.38 11.15 -28.61
C VAL A 227 3.41 10.37 -27.31
N GLY A 228 3.26 9.04 -27.40
CA GLY A 228 3.39 8.22 -26.21
C GLY A 228 4.79 8.27 -25.62
N ILE A 229 5.80 8.34 -26.49
CA ILE A 229 7.18 8.51 -26.02
C ILE A 229 7.32 9.83 -25.28
N GLY A 230 6.80 10.90 -25.86
CA GLY A 230 6.91 12.22 -25.26
C GLY A 230 6.09 12.39 -24.00
N GLN A 231 5.03 11.59 -23.83
CA GLN A 231 4.20 11.69 -22.65
C GLN A 231 4.91 11.26 -21.38
N VAL A 232 6.09 10.64 -21.50
CA VAL A 232 6.86 10.28 -20.31
C VAL A 232 7.16 11.54 -19.48
N TYR A 233 7.54 12.62 -20.16
CA TYR A 233 7.80 13.89 -19.50
C TYR A 233 6.55 14.74 -19.34
N GLY A 234 5.40 14.28 -19.85
CA GLY A 234 4.18 15.06 -19.79
C GLY A 234 3.87 15.85 -21.04
N CYS A 235 4.66 15.70 -22.10
CA CYS A 235 4.49 16.48 -23.31
C CYS A 235 3.70 15.70 -24.35
N ASP A 236 2.74 16.37 -24.98
CA ASP A 236 1.84 15.75 -25.95
C ASP A 236 2.15 16.16 -27.38
N ASN A 237 3.17 16.95 -27.61
CA ASN A 237 3.52 17.39 -28.95
C ASN A 237 4.21 16.26 -29.71
N PRO A 238 3.77 15.95 -30.93
CA PRO A 238 4.48 14.93 -31.71
C PRO A 238 5.94 15.28 -31.97
N TRP A 239 6.26 16.56 -32.15
CA TRP A 239 7.63 16.95 -32.44
C TRP A 239 8.55 16.69 -31.25
N THR A 240 8.08 16.97 -30.04
CA THR A 240 8.91 16.67 -28.88
C THR A 240 9.05 15.17 -28.67
N GLY A 241 8.05 14.39 -29.07
CA GLY A 241 8.21 12.94 -29.03
C GLY A 241 9.26 12.45 -30.01
N GLY A 242 9.27 13.00 -31.22
CA GLY A 242 10.32 12.66 -32.16
C GLY A 242 11.69 13.09 -31.67
N ILE A 243 11.76 14.25 -31.02
CA ILE A 243 13.02 14.71 -30.45
C ILE A 243 13.49 13.75 -29.35
N PHE A 244 12.56 13.27 -28.53
CA PHE A 244 12.92 12.31 -27.49
C PHE A 244 13.41 11.01 -28.10
N LEU A 245 12.77 10.55 -29.17
CA LEU A 245 13.24 9.33 -29.84
C LEU A 245 14.64 9.52 -30.39
N ILE A 246 14.92 10.69 -30.99
CA ILE A 246 16.26 10.96 -31.50
C ILE A 246 17.27 10.96 -30.36
N ALA A 247 16.92 11.59 -29.24
CA ALA A 247 17.82 11.63 -28.09
C ALA A 247 18.10 10.24 -27.55
N LEU A 248 17.07 9.38 -27.53
CA LEU A 248 17.28 8.00 -27.13
C LEU A 248 18.20 7.28 -28.09
N PHE A 249 18.03 7.50 -29.40
CA PHE A 249 18.88 6.82 -30.37
C PHE A 249 20.32 7.28 -30.29
N ILE A 250 20.56 8.53 -29.89
CA ILE A 250 21.94 9.01 -29.77
C ILE A 250 22.73 8.16 -28.79
N SER A 251 22.14 7.88 -27.63
CA SER A 251 22.87 7.13 -26.60
C SER A 251 22.96 5.65 -26.96
N SER A 252 21.82 5.00 -27.17
CA SER A 252 21.79 3.58 -27.49
C SER A 252 20.57 3.23 -28.31
N PRO A 253 20.74 2.65 -29.50
CA PRO A 253 19.58 2.32 -30.35
C PRO A 253 18.60 1.35 -29.71
N LEU A 254 19.07 0.43 -28.87
CA LEU A 254 18.16 -0.54 -28.26
C LEU A 254 17.13 0.16 -27.38
N ILE A 255 17.53 1.22 -26.68
CA ILE A 255 16.57 1.94 -25.84
C ILE A 255 15.51 2.59 -26.71
N CYS A 256 15.90 3.16 -27.85
CA CYS A 256 14.92 3.76 -28.75
C CYS A 256 13.95 2.71 -29.31
N LEU A 257 14.48 1.57 -29.73
CA LEU A 257 13.62 0.51 -30.25
C LEU A 257 12.65 0.02 -29.19
N HIS A 258 13.13 -0.19 -27.97
CA HIS A 258 12.25 -0.67 -26.91
C HIS A 258 11.26 0.40 -26.49
N ALA A 259 11.63 1.68 -26.58
CA ALA A 259 10.68 2.74 -26.30
C ALA A 259 9.55 2.74 -27.31
N ALA A 260 9.89 2.65 -28.60
CA ALA A 260 8.85 2.61 -29.62
C ALA A 260 7.95 1.38 -29.47
N ILE A 261 8.57 0.23 -29.18
CA ILE A 261 7.79 -1.00 -29.00
C ILE A 261 6.88 -0.88 -27.78
N GLY A 262 7.38 -0.32 -26.69
CA GLY A 262 6.55 -0.16 -25.51
C GLY A 262 5.39 0.80 -25.75
N SER A 263 5.65 1.89 -26.46
CA SER A 263 4.56 2.84 -26.75
C SER A 263 3.50 2.19 -27.62
N THR A 264 3.91 1.45 -28.66
CA THR A 264 2.91 0.82 -29.51
C THR A 264 2.18 -0.29 -28.78
N MET A 265 2.84 -1.00 -27.85
CA MET A 265 2.15 -1.99 -27.05
C MET A 265 1.16 -1.36 -26.09
N GLY A 266 1.50 -0.20 -25.52
CA GLY A 266 0.54 0.51 -24.70
C GLY A 266 -0.69 0.95 -25.49
N MET A 267 -0.48 1.45 -26.70
CA MET A 267 -1.60 1.82 -27.55
C MET A 267 -2.47 0.61 -27.89
N LEU A 268 -1.83 -0.50 -28.30
CA LEU A 268 -2.58 -1.70 -28.65
C LEU A 268 -3.35 -2.25 -27.46
N ALA A 269 -2.73 -2.25 -26.27
CA ALA A 269 -3.42 -2.72 -25.08
C ALA A 269 -4.56 -1.80 -24.68
N ALA A 270 -4.43 -0.51 -24.91
CA ALA A 270 -5.54 0.41 -24.68
C ALA A 270 -6.69 0.21 -25.65
N LEU A 271 -6.41 -0.17 -26.90
CA LEU A 271 -7.50 -0.45 -27.82
C LEU A 271 -8.30 -1.67 -27.42
N THR A 272 -7.67 -2.64 -26.74
CA THR A 272 -8.34 -3.91 -26.46
C THR A 272 -9.38 -3.80 -25.36
N ILE A 273 -9.34 -2.76 -24.54
CA ILE A 273 -10.35 -2.56 -23.50
C ILE A 273 -11.25 -1.38 -23.82
N ALA A 274 -11.33 -1.00 -25.10
CA ALA A 274 -12.22 0.06 -25.57
C ALA A 274 -11.95 1.38 -24.85
N THR A 275 -10.68 1.75 -24.79
CA THR A 275 -10.32 3.07 -24.30
C THR A 275 -10.78 4.13 -25.32
N PRO A 276 -11.30 5.27 -24.85
CA PRO A 276 -11.67 6.33 -25.80
C PRO A 276 -10.48 6.75 -26.64
N PHE A 277 -10.76 7.02 -27.92
CA PHE A 277 -9.67 7.32 -28.86
C PHE A 277 -8.94 8.60 -28.50
N ASP A 278 -9.58 9.50 -27.76
CA ASP A 278 -8.93 10.76 -27.39
C ASP A 278 -7.76 10.49 -26.45
N SER A 279 -7.90 9.54 -25.53
CA SER A 279 -6.79 9.19 -24.64
C SER A 279 -5.65 8.55 -25.41
N ILE A 280 -5.97 7.70 -26.38
CA ILE A 280 -4.92 7.02 -27.15
C ILE A 280 -4.17 8.01 -28.03
N TYR A 281 -4.90 8.87 -28.74
CA TYR A 281 -4.26 9.86 -29.59
C TYR A 281 -3.37 10.79 -28.79
N PHE A 282 -3.79 11.13 -27.58
CA PHE A 282 -3.03 12.04 -26.73
C PHE A 282 -1.78 11.40 -26.15
N GLY A 283 -1.60 10.09 -26.32
CA GLY A 283 -0.44 9.41 -25.78
C GLY A 283 -0.53 9.08 -24.32
N LEU A 284 -1.66 9.33 -23.66
CA LEU A 284 -1.81 9.04 -22.25
C LEU A 284 -1.83 7.56 -21.95
N CYS A 285 -1.97 6.71 -22.95
CA CYS A 285 -2.08 5.27 -22.73
C CYS A 285 -0.79 4.51 -23.01
N GLY A 286 0.32 5.20 -23.26
CA GLY A 286 1.53 4.51 -23.64
C GLY A 286 2.83 5.06 -23.11
N PHE A 287 2.83 5.75 -21.97
CA PHE A 287 4.10 6.20 -21.42
C PHE A 287 4.61 5.27 -20.31
N ASN A 288 3.69 4.76 -19.49
CA ASN A 288 4.08 3.71 -18.56
C ASN A 288 4.58 2.49 -19.31
N SER A 289 3.93 2.15 -20.42
CA SER A 289 4.34 1.00 -21.21
C SER A 289 5.73 1.18 -21.81
N THR A 290 6.01 2.37 -22.36
CA THR A 290 7.34 2.57 -22.94
C THR A 290 8.42 2.57 -21.87
N LEU A 291 8.13 3.16 -20.70
CA LEU A 291 9.11 3.11 -19.62
C LEU A 291 9.37 1.67 -19.17
N ALA A 292 8.31 0.86 -19.05
CA ALA A 292 8.47 -0.52 -18.63
C ALA A 292 9.23 -1.34 -19.67
N CYS A 293 8.94 -1.11 -20.95
CA CYS A 293 9.65 -1.81 -22.01
C CYS A 293 11.12 -1.43 -22.04
N ILE A 294 11.43 -0.14 -21.82
CA ILE A 294 12.83 0.27 -21.74
C ILE A 294 13.51 -0.40 -20.55
N ALA A 295 12.83 -0.44 -19.40
CA ALA A 295 13.46 -0.97 -18.19
C ALA A 295 13.74 -2.46 -18.32
N ILE A 296 12.75 -3.25 -18.74
CA ILE A 296 12.93 -4.70 -18.78
C ILE A 296 13.57 -5.16 -20.08
N GLY A 297 13.67 -4.28 -21.08
CA GLY A 297 14.16 -4.68 -22.39
C GLY A 297 15.58 -5.18 -22.41
N GLY A 298 16.53 -4.29 -22.18
CA GLY A 298 17.92 -4.69 -22.22
C GLY A 298 18.76 -4.04 -21.15
N MET A 299 18.15 -3.20 -20.33
CA MET A 299 18.90 -2.50 -19.30
C MET A 299 19.05 -3.38 -18.08
N PHE A 300 17.98 -3.56 -17.36
CA PHE A 300 18.05 -4.29 -16.11
C PHE A 300 18.08 -5.80 -16.29
N TYR A 301 17.85 -6.27 -17.51
CA TYR A 301 18.07 -7.65 -17.91
C TYR A 301 19.05 -7.64 -19.07
N VAL A 302 19.79 -8.72 -19.25
CA VAL A 302 20.63 -8.85 -20.43
C VAL A 302 19.74 -9.11 -21.63
N ILE A 303 19.94 -8.31 -22.69
CA ILE A 303 19.02 -8.33 -23.82
C ILE A 303 19.11 -9.68 -24.54
N THR A 304 17.96 -10.31 -24.72
CA THR A 304 17.84 -11.58 -25.42
C THR A 304 16.41 -11.67 -25.92
N TRP A 305 16.18 -12.55 -26.89
CA TRP A 305 14.83 -12.71 -27.42
C TRP A 305 13.85 -13.11 -26.33
N GLN A 306 14.30 -13.96 -25.40
CA GLN A 306 13.48 -14.26 -24.23
C GLN A 306 13.21 -13.00 -23.42
N THR A 307 14.26 -12.19 -23.20
CA THR A 307 14.09 -10.94 -22.47
C THR A 307 13.31 -9.92 -23.29
N HIS A 308 13.41 -9.96 -24.61
CA HIS A 308 12.58 -9.09 -25.44
C HIS A 308 11.10 -9.42 -25.26
N LEU A 309 10.76 -10.70 -25.28
CA LEU A 309 9.38 -11.10 -25.03
C LEU A 309 8.94 -10.74 -23.62
N LEU A 310 9.84 -10.89 -22.65
CA LEU A 310 9.52 -10.47 -21.29
C LEU A 310 9.24 -8.98 -21.22
N ALA A 311 10.01 -8.18 -21.95
CA ALA A 311 9.79 -6.75 -21.99
C ALA A 311 8.45 -6.40 -22.64
N ILE A 312 8.09 -7.10 -23.70
CA ILE A 312 6.80 -6.85 -24.34
C ILE A 312 5.66 -7.21 -23.39
N ALA A 313 5.79 -8.34 -22.68
CA ALA A 313 4.79 -8.71 -21.68
C ALA A 313 4.71 -7.69 -20.56
N CYS A 314 5.85 -7.14 -20.14
CA CYS A 314 5.85 -6.12 -19.11
C CYS A 314 5.20 -4.84 -19.61
N ALA A 315 5.41 -4.49 -20.88
CA ALA A 315 4.75 -3.33 -21.44
C ALA A 315 3.23 -3.51 -21.46
N LEU A 316 2.76 -4.69 -21.85
CA LEU A 316 1.32 -4.95 -21.83
C LEU A 316 0.77 -4.89 -20.41
N PHE A 317 1.46 -5.51 -19.45
CA PHE A 317 1.02 -5.48 -18.07
C PHE A 317 1.02 -4.06 -17.52
N ALA A 318 2.00 -3.26 -17.89
CA ALA A 318 2.06 -1.87 -17.44
C ALA A 318 0.94 -1.05 -18.05
N ALA A 319 0.57 -1.33 -19.31
CA ALA A 319 -0.56 -0.64 -19.91
C ALA A 319 -1.87 -0.98 -19.20
N TYR A 320 -2.09 -2.26 -18.91
CA TYR A 320 -3.32 -2.63 -18.22
C TYR A 320 -3.35 -2.10 -16.80
N LEU A 321 -2.22 -2.16 -16.09
CA LEU A 321 -2.14 -1.54 -14.78
C LEU A 321 -2.31 -0.04 -14.86
N GLY A 322 -1.90 0.58 -15.96
CA GLY A 322 -2.12 2.00 -16.14
C GLY A 322 -3.59 2.33 -16.28
N ALA A 323 -4.33 1.53 -17.04
CA ALA A 323 -5.77 1.70 -17.11
C ALA A 323 -6.40 1.52 -15.73
N ALA A 324 -5.98 0.49 -15.00
CA ALA A 324 -6.56 0.23 -13.68
C ALA A 324 -6.29 1.38 -12.72
N LEU A 325 -5.04 1.87 -12.68
CA LEU A 325 -4.70 2.95 -11.77
C LEU A 325 -5.26 4.29 -12.22
N ALA A 326 -5.42 4.53 -13.52
CA ALA A 326 -6.12 5.72 -13.97
C ALA A 326 -7.57 5.70 -13.54
N ASN A 327 -8.22 4.53 -13.55
CA ASN A 327 -9.60 4.46 -13.10
C ASN A 327 -9.71 4.52 -11.58
N MET A 328 -8.70 4.04 -10.85
CA MET A 328 -8.77 4.02 -9.40
C MET A 328 -8.34 5.35 -8.77
N LEU A 329 -7.17 5.88 -9.15
CA LEU A 329 -6.67 7.12 -8.59
C LEU A 329 -7.53 8.31 -8.97
N SER A 330 -8.28 8.24 -10.07
CA SER A 330 -9.15 9.35 -10.45
C SER A 330 -10.28 9.55 -9.46
N VAL A 331 -10.53 8.58 -8.59
CA VAL A 331 -11.50 8.78 -7.50
C VAL A 331 -11.03 9.89 -6.58
N PHE A 332 -9.74 9.90 -6.26
CA PHE A 332 -9.16 10.97 -5.45
C PHE A 332 -8.89 12.24 -6.25
N GLY A 333 -9.05 12.19 -7.57
CA GLY A 333 -8.69 13.31 -8.41
C GLY A 333 -7.26 13.30 -8.91
N LEU A 334 -6.49 12.26 -8.60
CA LEU A 334 -5.10 12.14 -8.98
C LEU A 334 -4.94 11.34 -10.26
N PRO A 335 -3.93 11.64 -11.06
CA PRO A 335 -3.68 10.88 -12.28
C PRO A 335 -2.71 9.75 -12.03
N PRO A 336 -2.61 8.78 -12.94
CA PRO A 336 -1.54 7.78 -12.86
C PRO A 336 -0.25 8.36 -13.40
N CYS A 337 0.65 8.73 -12.51
CA CYS A 337 1.90 9.37 -12.88
C CYS A 337 3.02 8.37 -12.64
N THR A 338 3.28 7.52 -13.63
CA THR A 338 4.39 6.57 -13.65
C THR A 338 4.27 5.52 -12.54
N TRP A 339 3.18 5.53 -11.78
CA TRP A 339 2.91 4.42 -10.87
C TRP A 339 2.86 3.08 -11.59
N PRO A 340 2.14 2.91 -12.70
CA PRO A 340 2.12 1.59 -13.36
C PRO A 340 3.47 1.11 -13.81
N PHE A 341 4.30 2.01 -14.34
CA PHE A 341 5.65 1.62 -14.75
C PHE A 341 6.43 1.06 -13.57
N CYS A 342 6.42 1.79 -12.46
CA CYS A 342 7.19 1.34 -11.30
C CYS A 342 6.68 0.00 -10.80
N LEU A 343 5.35 -0.14 -10.66
CA LEU A 343 4.82 -1.38 -10.12
C LEU A 343 5.11 -2.57 -11.03
N SER A 344 4.90 -2.41 -12.34
CA SER A 344 5.10 -3.52 -13.26
C SER A 344 6.58 -3.85 -13.42
N ALA A 345 7.44 -2.84 -13.46
CA ALA A 345 8.87 -3.09 -13.56
C ALA A 345 9.39 -3.80 -12.31
N LEU A 346 8.91 -3.40 -11.13
CA LEU A 346 9.28 -4.11 -9.91
C LEU A 346 8.78 -5.55 -9.94
N THR A 347 7.54 -5.76 -10.35
CA THR A 347 7.02 -7.12 -10.36
C THR A 347 7.62 -7.99 -11.45
N PHE A 348 8.29 -7.39 -12.44
CA PHE A 348 8.99 -8.16 -13.45
C PHE A 348 10.49 -8.27 -13.21
N LEU A 349 11.03 -7.49 -12.28
CA LEU A 349 12.42 -7.65 -11.88
C LEU A 349 12.58 -8.59 -10.69
N LEU A 350 11.53 -8.79 -9.91
CA LEU A 350 11.55 -9.78 -8.83
C LEU A 350 11.24 -11.18 -9.34
N LEU A 351 10.78 -11.31 -10.58
CA LEU A 351 10.48 -12.61 -11.14
C LEU A 351 11.72 -13.48 -11.19
N THR A 352 11.60 -14.71 -10.70
CA THR A 352 12.67 -15.68 -10.72
C THR A 352 12.38 -16.75 -11.77
N THR A 353 13.30 -16.94 -12.69
CA THR A 353 13.10 -17.82 -13.83
C THR A 353 14.34 -18.69 -14.01
N ASN A 354 14.13 -20.00 -14.20
CA ASN A 354 15.24 -20.94 -14.11
C ASN A 354 16.17 -20.87 -15.32
N ASN A 355 15.66 -20.56 -16.50
CA ASN A 355 16.49 -20.65 -17.69
C ASN A 355 17.57 -19.56 -17.66
N PRO A 356 18.75 -19.83 -18.23
CA PRO A 356 19.85 -18.86 -18.12
C PRO A 356 19.72 -17.66 -19.04
N ALA A 357 18.78 -17.68 -19.99
CA ALA A 357 18.65 -16.56 -20.90
C ALA A 357 18.13 -15.31 -20.20
N ILE A 358 17.19 -15.47 -19.28
CA ILE A 358 16.61 -14.35 -18.54
C ILE A 358 17.54 -14.09 -17.36
N TYR A 359 18.53 -13.22 -17.58
CA TYR A 359 19.54 -12.91 -16.57
C TYR A 359 19.36 -11.47 -16.11
N LYS A 360 19.27 -11.27 -14.80
CA LYS A 360 19.14 -9.96 -14.21
C LYS A 360 20.50 -9.46 -13.76
N LEU A 361 20.86 -8.25 -14.17
CA LEU A 361 22.16 -7.69 -13.85
C LEU A 361 22.16 -7.03 -12.47
N PRO A 362 23.32 -7.14 -11.78
CA PRO A 362 23.39 -6.46 -10.51
C PRO A 362 23.33 -5.02 -10.81
N LEU A 363 22.71 -4.24 -9.96
CA LEU A 363 22.53 -2.86 -10.28
C LEU A 363 23.88 -2.24 -10.42
N SER A 364 24.91 -2.70 -9.74
CA SER A 364 26.18 -2.00 -9.81
C SER A 364 26.66 -1.91 -11.25
N LYS A 365 26.43 -2.94 -12.04
CA LYS A 365 26.90 -2.96 -13.40
C LYS A 365 25.91 -2.66 -14.53
N VAL A 366 24.73 -2.14 -14.22
CA VAL A 366 23.79 -1.74 -15.27
C VAL A 366 24.18 -0.38 -15.79
N THR A 367 24.38 -0.25 -17.10
CA THR A 367 24.72 1.02 -17.72
C THR A 367 23.75 1.26 -18.88
N TYR A 368 23.96 0.60 -20.01
CA TYR A 368 23.00 0.70 -21.11
C TYR A 368 22.98 -0.64 -21.84
N PRO A 369 21.89 -0.96 -22.56
CA PRO A 369 21.67 -2.35 -22.99
C PRO A 369 22.82 -2.97 -23.79
N GLU A 370 23.44 -2.21 -24.69
CA GLU A 370 24.51 -2.77 -25.50
C GLU A 370 25.75 -3.06 -24.64
N ALA A 371 26.12 -2.13 -23.78
CA ALA A 371 27.21 -2.38 -22.86
C ALA A 371 26.86 -3.49 -21.87
N ASN A 372 25.58 -3.59 -21.49
CA ASN A 372 25.14 -4.69 -20.63
C ASN A 372 25.39 -6.04 -21.29
N ARG A 373 24.99 -6.17 -22.56
CA ARG A 373 25.22 -7.42 -23.27
C ARG A 373 26.71 -7.70 -23.43
N ILE A 374 27.48 -6.66 -23.77
CA ILE A 374 28.93 -6.85 -23.94
C ILE A 374 29.55 -7.35 -22.64
N TYR A 375 29.18 -6.76 -21.52
CA TYR A 375 29.71 -7.20 -20.23
C TYR A 375 29.26 -8.62 -19.91
N TYR A 376 28.01 -8.96 -20.20
CA TYR A 376 27.53 -10.30 -19.88
C TYR A 376 28.31 -11.35 -20.66
N LEU A 377 28.52 -11.13 -21.95
CA LEU A 377 29.33 -12.08 -22.72
C LEU A 377 30.79 -12.08 -22.27
N SER A 378 31.31 -10.93 -21.85
CA SER A 378 32.68 -10.92 -21.32
C SER A 378 32.79 -11.76 -20.06
N GLN A 379 31.79 -11.66 -19.18
CA GLN A 379 31.83 -12.40 -17.93
C GLN A 379 31.62 -13.90 -18.15
N GLU A 380 30.73 -14.25 -19.07
CA GLU A 380 30.46 -15.67 -19.33
C GLU A 380 31.68 -16.37 -19.90
N ARG A 381 32.40 -15.71 -20.82
CA ARG A 381 33.60 -16.29 -21.41
C ARG A 381 34.85 -15.88 -20.64
N LYS B 51 2.86 -42.25 -16.88
CA LYS B 51 1.63 -41.68 -17.41
C LYS B 51 1.94 -40.68 -18.52
N SER B 52 0.98 -40.49 -19.42
CA SER B 52 1.16 -39.56 -20.53
C SER B 52 1.28 -38.14 -20.01
N PRO B 53 2.03 -37.28 -20.71
CA PRO B 53 2.18 -35.89 -20.24
C PRO B 53 0.86 -35.14 -20.12
N VAL B 54 -0.11 -35.45 -20.98
CA VAL B 54 -1.41 -34.78 -20.89
C VAL B 54 -2.10 -35.15 -19.58
N PHE B 55 -2.05 -36.43 -19.20
CA PHE B 55 -2.62 -36.84 -17.92
C PHE B 55 -1.92 -36.16 -16.76
N GLN B 56 -0.60 -36.03 -16.84
CA GLN B 56 0.14 -35.32 -15.80
C GLN B 56 -0.28 -33.86 -15.71
N PHE B 57 -0.48 -33.21 -16.86
CA PHE B 57 -0.90 -31.82 -16.84
C PHE B 57 -2.29 -31.66 -16.24
N PHE B 58 -3.21 -32.57 -16.59
CA PHE B 58 -4.54 -32.49 -15.99
C PHE B 58 -4.52 -32.82 -14.51
N ASP B 59 -3.60 -33.69 -14.07
CA ASP B 59 -3.41 -33.90 -12.64
C ASP B 59 -2.95 -32.63 -11.95
N TRP B 60 -2.01 -31.90 -12.58
CA TRP B 60 -1.57 -30.63 -12.02
C TRP B 60 -2.73 -29.64 -11.94
N VAL B 61 -3.56 -29.60 -12.97
CA VAL B 61 -4.71 -28.70 -12.98
C VAL B 61 -5.69 -29.07 -11.87
N LEU B 62 -5.93 -30.37 -11.69
CA LEU B 62 -6.85 -30.82 -10.65
C LEU B 62 -6.33 -30.50 -9.26
N ARG B 63 -5.03 -30.64 -9.04
CA ARG B 63 -4.47 -30.24 -7.74
C ARG B 63 -4.52 -28.73 -7.56
N GLY B 64 -4.32 -27.97 -8.63
CA GLY B 64 -4.39 -26.53 -8.52
C GLY B 64 -5.78 -26.03 -8.18
N THR B 65 -6.81 -26.61 -8.80
CA THR B 65 -8.16 -26.15 -8.53
C THR B 65 -8.61 -26.44 -7.12
N SER B 66 -7.90 -27.30 -6.39
CA SER B 66 -8.20 -27.58 -5.00
C SER B 66 -7.25 -26.91 -4.04
N GLN B 67 -6.09 -26.46 -4.52
CA GLN B 67 -5.13 -25.77 -3.67
C GLN B 67 -5.66 -24.45 -3.11
N VAL B 68 -6.75 -23.94 -3.68
CA VAL B 68 -7.36 -22.73 -3.13
C VAL B 68 -7.74 -22.93 -1.67
N MET B 69 -8.35 -24.07 -1.38
CA MET B 69 -8.75 -24.43 -0.02
C MET B 69 -7.64 -25.12 0.75
N PHE B 70 -6.40 -25.01 0.27
CA PHE B 70 -5.21 -25.52 0.97
C PHE B 70 -5.16 -27.03 1.02
N VAL B 71 -5.69 -27.70 0.00
CA VAL B 71 -5.64 -29.16 -0.10
C VAL B 71 -4.97 -29.54 -1.42
N ASN B 72 -4.04 -30.48 -1.36
CA ASN B 72 -3.35 -31.00 -2.53
C ASN B 72 -3.84 -32.42 -2.75
N ASN B 73 -4.95 -32.56 -3.45
CA ASN B 73 -5.55 -33.87 -3.67
C ASN B 73 -6.35 -33.85 -4.97
N PRO B 74 -5.98 -34.68 -5.95
CA PRO B 74 -6.73 -34.67 -7.22
C PRO B 74 -8.20 -35.01 -7.07
N LEU B 75 -8.55 -35.91 -6.15
CA LEU B 75 -9.96 -36.25 -5.97
C LEU B 75 -10.74 -35.06 -5.41
N SER B 76 -10.15 -34.33 -4.46
CA SER B 76 -10.80 -33.12 -3.97
C SER B 76 -10.91 -32.08 -5.07
N GLY B 77 -9.91 -32.03 -5.96
CA GLY B 77 -10.02 -31.15 -7.11
C GLY B 77 -11.18 -31.51 -8.02
N ILE B 78 -11.37 -32.81 -8.27
CA ILE B 78 -12.49 -33.26 -9.08
C ILE B 78 -13.81 -32.88 -8.40
N LEU B 79 -13.89 -33.09 -7.09
CA LEU B 79 -15.11 -32.74 -6.37
C LEU B 79 -15.39 -31.23 -6.45
N ILE B 80 -14.35 -30.41 -6.33
CA ILE B 80 -14.54 -28.97 -6.39
C ILE B 80 -14.96 -28.55 -7.79
N ILE B 81 -14.39 -29.18 -8.83
CA ILE B 81 -14.80 -28.87 -10.20
C ILE B 81 -16.26 -29.27 -10.41
N LEU B 82 -16.66 -30.41 -9.87
CA LEU B 82 -18.06 -30.82 -9.96
C LEU B 82 -18.96 -29.84 -9.24
N GLY B 83 -18.53 -29.32 -8.10
CA GLY B 83 -19.30 -28.29 -7.42
C GLY B 83 -19.44 -27.02 -8.24
N LEU B 84 -18.34 -26.59 -8.86
CA LEU B 84 -18.39 -25.39 -9.71
C LEU B 84 -19.34 -25.59 -10.88
N PHE B 85 -19.35 -26.79 -11.47
CA PHE B 85 -20.28 -27.06 -12.56
C PHE B 85 -21.71 -27.16 -12.06
N ILE B 86 -21.91 -27.63 -10.83
CA ILE B 86 -23.24 -27.65 -10.24
C ILE B 86 -23.78 -26.24 -10.08
N GLN B 87 -22.93 -25.33 -9.60
CA GLN B 87 -23.37 -23.97 -9.34
C GLN B 87 -23.64 -23.22 -10.65
N ASN B 88 -22.63 -23.13 -11.52
CA ASN B 88 -22.78 -22.46 -12.80
C ASN B 88 -21.76 -23.00 -13.80
N PRO B 89 -22.21 -23.67 -14.87
CA PRO B 89 -21.25 -24.23 -15.84
C PRO B 89 -20.34 -23.19 -16.47
N TRP B 90 -20.84 -21.99 -16.72
CA TRP B 90 -20.01 -20.95 -17.34
C TRP B 90 -18.87 -20.55 -16.44
N TRP B 91 -19.14 -20.38 -15.14
CA TRP B 91 -18.08 -20.06 -14.20
C TRP B 91 -17.07 -21.19 -14.13
N ALA B 92 -17.53 -22.44 -14.20
CA ALA B 92 -16.61 -23.57 -14.19
C ALA B 92 -15.71 -23.57 -15.40
N ILE B 93 -16.26 -23.27 -16.58
CA ILE B 93 -15.44 -23.19 -17.79
C ILE B 93 -14.41 -22.08 -17.67
N SER B 94 -14.83 -20.92 -17.18
CA SER B 94 -13.90 -19.81 -17.03
C SER B 94 -12.80 -20.14 -16.03
N GLY B 95 -13.15 -20.76 -14.91
CA GLY B 95 -12.14 -21.13 -13.93
C GLY B 95 -11.18 -22.19 -14.43
N CYS B 96 -11.70 -23.18 -15.17
CA CYS B 96 -10.83 -24.20 -15.73
C CYS B 96 -9.87 -23.60 -16.74
N LEU B 97 -10.35 -22.69 -17.59
CA LEU B 97 -9.45 -22.01 -18.51
C LEU B 97 -8.40 -21.20 -17.77
N GLY B 98 -8.80 -20.52 -16.70
CA GLY B 98 -7.84 -19.78 -15.91
C GLY B 98 -6.75 -20.67 -15.33
N THR B 99 -7.15 -21.83 -14.77
CA THR B 99 -6.17 -22.76 -14.21
C THR B 99 -5.23 -23.27 -15.30
N ILE B 100 -5.79 -23.65 -16.44
CA ILE B 100 -4.98 -24.21 -17.52
C ILE B 100 -3.96 -23.19 -17.99
N MET B 101 -4.38 -21.94 -18.18
CA MET B 101 -3.45 -20.94 -18.68
C MET B 101 -2.45 -20.51 -17.62
N SER B 102 -2.83 -20.51 -16.35
CA SER B 102 -1.86 -20.20 -15.30
C SER B 102 -0.79 -21.28 -15.22
N THR B 103 -1.18 -22.56 -15.29
CA THR B 103 -0.18 -23.62 -15.26
C THR B 103 0.69 -23.61 -16.51
N LEU B 104 0.09 -23.30 -17.67
CA LEU B 104 0.88 -23.20 -18.89
C LEU B 104 1.88 -22.06 -18.83
N THR B 105 1.50 -20.92 -18.25
CA THR B 105 2.45 -19.83 -18.09
C THR B 105 3.53 -20.18 -17.08
N ALA B 106 3.18 -20.95 -16.04
CA ALA B 106 4.21 -21.41 -15.11
C ALA B 106 5.22 -22.31 -15.81
N LEU B 107 4.74 -23.20 -16.69
CA LEU B 107 5.66 -24.04 -17.45
C LEU B 107 6.49 -23.20 -18.41
N ILE B 108 5.88 -22.24 -19.09
CA ILE B 108 6.60 -21.42 -20.07
C ILE B 108 7.68 -20.60 -19.40
N LEU B 109 7.36 -20.00 -18.26
CA LEU B 109 8.32 -19.19 -17.51
C LEU B 109 9.32 -20.03 -16.73
N SER B 110 9.37 -21.33 -16.98
CA SER B 110 10.38 -22.22 -16.41
C SER B 110 10.42 -22.11 -14.89
N GLN B 111 9.25 -22.16 -14.27
CA GLN B 111 9.16 -22.20 -12.82
C GLN B 111 9.46 -23.60 -12.32
N ASP B 112 9.64 -23.72 -11.01
CA ASP B 112 10.02 -24.98 -10.39
C ASP B 112 9.00 -26.06 -10.71
N LYS B 113 9.48 -27.21 -11.16
CA LYS B 113 8.59 -28.29 -11.58
C LYS B 113 7.85 -28.89 -10.39
N SER B 114 8.49 -28.90 -9.22
CA SER B 114 7.81 -29.39 -8.02
C SER B 114 6.65 -28.48 -7.64
N ALA B 115 6.83 -27.16 -7.79
CA ALA B 115 5.74 -26.23 -7.50
C ALA B 115 4.57 -26.44 -8.43
N ILE B 116 4.84 -26.63 -9.72
CA ILE B 116 3.77 -26.84 -10.69
C ILE B 116 3.07 -28.17 -10.44
N ALA B 117 3.84 -29.22 -10.14
CA ALA B 117 3.26 -30.53 -9.94
C ALA B 117 2.35 -30.56 -8.72
N ALA B 118 2.64 -29.74 -7.73
CA ALA B 118 1.81 -29.64 -6.54
C ALA B 118 0.62 -28.70 -6.72
N GLY B 119 0.49 -28.10 -7.91
CA GLY B 119 -0.61 -27.20 -8.15
C GLY B 119 -0.48 -25.85 -7.48
N PHE B 120 0.75 -25.46 -7.15
CA PHE B 120 0.97 -24.17 -6.50
C PHE B 120 0.81 -23.00 -7.45
N HIS B 121 0.73 -23.23 -8.76
CA HIS B 121 0.52 -22.17 -9.72
C HIS B 121 -0.86 -22.16 -10.35
N GLY B 122 -1.58 -23.28 -10.29
CA GLY B 122 -2.91 -23.35 -10.86
C GLY B 122 -4.00 -22.86 -9.93
N TYR B 123 -3.66 -22.65 -8.65
CA TYR B 123 -4.68 -22.28 -7.68
C TYR B 123 -5.03 -20.79 -7.74
N ASN B 124 -4.32 -20.00 -8.54
CA ASN B 124 -4.65 -18.61 -8.73
C ASN B 124 -5.39 -18.35 -10.03
N GLY B 125 -5.09 -19.12 -11.08
CA GLY B 125 -5.84 -19.00 -12.31
C GLY B 125 -7.30 -19.37 -12.16
N VAL B 126 -7.60 -20.38 -11.34
CA VAL B 126 -9.00 -20.75 -11.12
C VAL B 126 -9.76 -19.60 -10.48
N LEU B 127 -9.16 -18.95 -9.48
CA LEU B 127 -9.85 -17.85 -8.83
C LEU B 127 -9.96 -16.65 -9.75
N VAL B 128 -8.93 -16.38 -10.55
CA VAL B 128 -8.99 -15.27 -11.49
C VAL B 128 -10.12 -15.49 -12.49
N GLY B 129 -10.17 -16.67 -13.11
CA GLY B 129 -11.24 -16.95 -14.06
C GLY B 129 -12.61 -16.91 -13.42
N LEU B 130 -12.76 -17.56 -12.26
CA LEU B 130 -14.06 -17.62 -11.61
C LEU B 130 -14.55 -16.23 -11.21
N LEU B 131 -13.68 -15.41 -10.63
CA LEU B 131 -14.09 -14.10 -10.15
C LEU B 131 -14.10 -13.05 -11.24
N MET B 132 -13.58 -13.34 -12.43
CA MET B 132 -13.82 -12.45 -13.56
C MET B 132 -15.09 -12.84 -14.31
N ALA B 133 -15.48 -14.10 -14.24
CA ALA B 133 -16.79 -14.50 -14.77
C ALA B 133 -17.93 -14.12 -13.83
N VAL B 134 -17.68 -14.11 -12.51
CA VAL B 134 -18.72 -13.75 -11.55
C VAL B 134 -19.11 -12.29 -11.70
N PHE B 135 -18.12 -11.42 -11.85
CA PHE B 135 -18.34 -9.97 -11.87
C PHE B 135 -18.41 -9.44 -13.29
N SER B 136 -19.02 -10.19 -14.20
CA SER B 136 -19.22 -9.73 -15.57
C SER B 136 -20.69 -9.37 -15.76
N ASP B 137 -20.93 -8.19 -16.33
CA ASP B 137 -22.29 -7.70 -16.53
C ASP B 137 -22.94 -8.24 -17.80
N LYS B 138 -22.18 -8.91 -18.67
CA LYS B 138 -22.72 -9.44 -19.91
C LYS B 138 -23.43 -10.77 -19.73
N GLY B 139 -23.51 -11.30 -18.52
CA GLY B 139 -24.26 -12.52 -18.29
C GLY B 139 -23.50 -13.78 -18.61
N ASP B 140 -24.22 -14.88 -18.81
CA ASP B 140 -23.63 -16.19 -18.97
C ASP B 140 -23.21 -16.42 -20.41
N TYR B 141 -22.15 -17.21 -20.58
CA TYR B 141 -21.65 -17.64 -21.89
C TYR B 141 -21.35 -16.44 -22.79
N TYR B 142 -20.72 -15.42 -22.22
CA TYR B 142 -20.13 -14.33 -22.99
C TYR B 142 -18.73 -14.77 -23.36
N TRP B 143 -18.59 -15.39 -24.53
CA TRP B 143 -17.35 -16.06 -24.90
C TRP B 143 -16.16 -15.11 -24.97
N TRP B 144 -16.39 -13.85 -25.35
CA TRP B 144 -15.30 -12.88 -25.38
C TRP B 144 -14.62 -12.71 -24.03
N LEU B 145 -15.33 -12.98 -22.93
CA LEU B 145 -14.73 -12.91 -21.61
C LEU B 145 -13.58 -13.88 -21.45
N LEU B 146 -13.51 -14.94 -22.27
CA LEU B 146 -12.38 -15.85 -22.17
C LEU B 146 -11.10 -15.21 -22.67
N LEU B 147 -11.20 -14.13 -23.46
CA LEU B 147 -9.97 -13.47 -23.91
C LEU B 147 -9.19 -12.83 -22.77
N PRO B 148 -9.79 -12.05 -21.87
CA PRO B 148 -9.02 -11.59 -20.71
C PRO B 148 -8.76 -12.68 -19.69
N VAL B 149 -9.67 -13.64 -19.53
CA VAL B 149 -9.46 -14.73 -18.58
C VAL B 149 -8.14 -15.42 -18.85
N ILE B 150 -7.81 -15.63 -20.12
CA ILE B 150 -6.49 -16.13 -20.48
C ILE B 150 -5.41 -15.15 -20.06
N ILE B 151 -5.50 -13.91 -20.55
CA ILE B 151 -4.39 -12.97 -20.43
C ILE B 151 -4.05 -12.71 -18.97
N MET B 152 -5.05 -12.35 -18.17
CA MET B 152 -4.81 -12.09 -16.76
C MET B 152 -4.34 -13.34 -16.03
N SER B 153 -4.77 -14.53 -16.46
CA SER B 153 -4.24 -15.75 -15.87
C SER B 153 -2.74 -15.86 -16.08
N MET B 154 -2.24 -15.46 -17.25
CA MET B 154 -0.81 -15.46 -17.48
C MET B 154 -0.07 -14.57 -16.49
N SER B 155 -0.76 -13.59 -15.88
CA SER B 155 -0.11 -12.71 -14.92
C SER B 155 -0.11 -13.27 -13.51
N CYS B 156 -0.69 -14.45 -13.30
CA CYS B 156 -0.69 -15.01 -11.95
C CYS B 156 0.66 -15.62 -11.58
N PRO B 157 1.28 -16.46 -12.43
CA PRO B 157 2.61 -16.96 -12.07
C PRO B 157 3.64 -15.86 -11.87
N ILE B 158 3.64 -14.86 -12.74
CA ILE B 158 4.58 -13.75 -12.62
C ILE B 158 4.51 -13.15 -11.23
N LEU B 159 3.34 -12.63 -10.84
CA LEU B 159 3.16 -12.11 -9.49
C LEU B 159 3.51 -13.16 -8.45
N SER B 160 3.07 -14.41 -8.67
CA SER B 160 3.39 -15.48 -7.73
C SER B 160 4.88 -15.56 -7.52
N SER B 161 5.67 -15.44 -8.59
CA SER B 161 7.11 -15.42 -8.43
C SER B 161 7.56 -14.16 -7.72
N ALA B 162 7.05 -13.00 -8.16
CA ALA B 162 7.56 -11.73 -7.66
C ALA B 162 7.36 -11.62 -6.16
N LEU B 163 6.13 -11.82 -5.70
CA LEU B 163 5.85 -11.80 -4.27
C LEU B 163 6.71 -12.82 -3.54
N GLY B 164 6.97 -13.97 -4.15
CA GLY B 164 7.84 -14.94 -3.52
C GLY B 164 9.20 -14.36 -3.21
N THR B 165 9.79 -13.66 -4.18
CA THR B 165 11.08 -13.02 -3.95
C THR B 165 11.00 -12.03 -2.81
N ILE B 166 9.86 -11.33 -2.68
CA ILE B 166 9.68 -10.40 -1.57
C ILE B 166 9.53 -11.16 -0.26
N PHE B 167 8.85 -12.30 -0.28
CA PHE B 167 8.42 -12.94 0.95
C PHE B 167 9.40 -13.97 1.48
N SER B 168 10.28 -14.51 0.64
CA SER B 168 11.23 -15.52 1.09
C SER B 168 12.16 -14.99 2.18
N LYS B 169 12.27 -13.66 2.31
CA LYS B 169 13.08 -13.10 3.38
C LYS B 169 12.52 -13.44 4.75
N TRP B 170 11.19 -13.50 4.87
CA TRP B 170 10.55 -13.78 6.14
C TRP B 170 9.98 -15.19 6.22
N ASP B 171 10.32 -16.04 5.24
CA ASP B 171 9.74 -17.38 5.18
C ASP B 171 8.24 -17.18 5.22
N LEU B 172 7.75 -16.25 4.38
CA LEU B 172 6.33 -15.93 4.40
C LEU B 172 5.66 -16.44 3.13
N PRO B 173 4.45 -17.09 3.27
CA PRO B 173 3.74 -17.51 2.07
C PRO B 173 3.02 -16.43 1.34
N VAL B 174 2.96 -16.49 0.01
CA VAL B 174 2.18 -15.53 -0.77
C VAL B 174 0.98 -16.32 -1.14
N PHE B 175 -0.13 -16.19 -0.41
CA PHE B 175 -1.26 -17.07 -0.73
C PHE B 175 -2.52 -16.44 -1.26
N THR B 176 -2.73 -16.50 -2.58
CA THR B 176 -3.92 -15.93 -3.24
C THR B 176 -3.71 -14.43 -3.42
N LEU B 177 -2.56 -13.94 -3.00
CA LEU B 177 -2.25 -12.53 -3.19
C LEU B 177 -2.15 -12.13 -4.67
N PRO B 178 -1.52 -12.99 -5.51
CA PRO B 178 -1.52 -12.58 -6.92
C PRO B 178 -2.92 -12.53 -7.51
N PHE B 179 -3.80 -13.48 -7.15
CA PHE B 179 -5.17 -13.38 -7.64
C PHE B 179 -5.79 -12.04 -7.26
N ASN B 180 -5.58 -11.59 -6.03
CA ASN B 180 -6.15 -10.31 -5.62
C ASN B 180 -5.65 -9.19 -6.51
N ILE B 181 -4.34 -9.13 -6.73
CA ILE B 181 -3.76 -8.06 -7.53
C ILE B 181 -4.25 -8.15 -8.97
N THR B 182 -4.26 -9.35 -9.55
CA THR B 182 -4.66 -9.50 -10.94
C THR B 182 -6.13 -9.13 -11.15
N VAL B 183 -7.01 -9.62 -10.26
CA VAL B 183 -8.43 -9.35 -10.44
C VAL B 183 -8.77 -7.90 -10.11
N THR B 184 -8.12 -7.32 -9.11
CA THR B 184 -8.31 -5.89 -8.86
C THR B 184 -7.84 -5.07 -10.06
N LEU B 185 -6.72 -5.46 -10.65
CA LEU B 185 -6.25 -4.80 -11.87
C LEU B 185 -7.30 -4.88 -12.97
N TYR B 186 -7.83 -6.07 -13.21
CA TYR B 186 -8.79 -6.25 -14.30
C TYR B 186 -10.08 -5.47 -14.03
N LEU B 187 -10.63 -5.60 -12.83
CA LEU B 187 -11.90 -4.97 -12.51
C LEU B 187 -11.78 -3.45 -12.47
N ALA B 188 -10.60 -2.93 -12.12
CA ALA B 188 -10.41 -1.49 -12.16
C ALA B 188 -10.19 -1.00 -13.59
N ALA B 189 -9.45 -1.77 -14.39
CA ALA B 189 -9.20 -1.37 -15.77
C ALA B 189 -10.51 -1.33 -16.57
N THR B 190 -11.36 -2.34 -16.39
CA THR B 190 -12.61 -2.39 -17.14
C THR B 190 -13.67 -1.51 -16.51
N GLY B 191 -14.08 -1.82 -15.28
CA GLY B 191 -15.09 -1.05 -14.59
C GLY B 191 -16.48 -1.33 -15.13
N HIS B 192 -17.47 -0.79 -14.42
CA HIS B 192 -18.86 -1.02 -14.81
C HIS B 192 -19.21 -0.33 -16.12
N TYR B 193 -18.51 0.74 -16.46
CA TYR B 193 -18.81 1.53 -17.66
C TYR B 193 -17.88 1.20 -18.82
N ASN B 194 -17.49 -0.06 -18.95
CA ASN B 194 -16.65 -0.48 -20.06
C ASN B 194 -17.51 -0.89 -21.24
N LEU B 195 -17.01 -0.63 -22.44
CA LEU B 195 -17.74 -0.98 -23.65
C LEU B 195 -17.68 -2.47 -23.95
N PHE B 196 -16.55 -3.11 -23.65
CA PHE B 196 -16.31 -4.50 -24.04
C PHE B 196 -16.59 -5.49 -22.93
N PHE B 197 -16.02 -5.29 -21.74
CA PHE B 197 -16.16 -6.23 -20.63
C PHE B 197 -16.63 -5.48 -19.39
N PRO B 198 -17.88 -5.04 -19.37
CA PRO B 198 -18.39 -4.31 -18.20
C PRO B 198 -18.52 -5.23 -17.00
N THR B 199 -18.38 -4.65 -15.82
CA THR B 199 -18.49 -5.37 -14.57
C THR B 199 -19.72 -4.91 -13.79
N THR B 200 -20.15 -5.74 -12.85
CA THR B 200 -21.31 -5.39 -12.04
C THR B 200 -21.01 -4.15 -11.20
N LEU B 201 -22.05 -3.37 -10.95
CA LEU B 201 -21.89 -2.09 -10.26
C LEU B 201 -21.84 -2.32 -8.75
N LEU B 202 -20.75 -1.87 -8.13
CA LEU B 202 -20.62 -1.81 -6.68
C LEU B 202 -20.36 -0.37 -6.29
N GLN B 203 -21.18 0.15 -5.39
CA GLN B 203 -21.07 1.53 -4.97
C GLN B 203 -21.15 1.61 -3.46
N PRO B 204 -20.49 2.60 -2.84
CA PRO B 204 -20.46 2.65 -1.38
C PRO B 204 -21.84 2.89 -0.80
N ALA B 205 -22.04 2.38 0.42
CA ALA B 205 -23.30 2.57 1.10
C ALA B 205 -23.54 4.05 1.37
N SER B 206 -24.72 4.53 0.99
CA SER B 206 -25.07 5.93 1.15
C SER B 206 -26.34 6.13 1.96
N ALA B 207 -26.87 5.08 2.58
CA ALA B 207 -28.06 5.18 3.40
C ALA B 207 -27.95 4.22 4.56
N MET B 208 -28.62 4.55 5.64
CA MET B 208 -28.62 3.70 6.82
C MET B 208 -29.47 2.46 6.55
N PRO B 209 -28.94 1.26 6.74
CA PRO B 209 -29.69 0.06 6.36
C PRO B 209 -30.89 -0.16 7.24
N ASN B 210 -31.91 -0.78 6.66
CA ASN B 210 -33.14 -1.13 7.37
C ASN B 210 -33.05 -2.58 7.76
N ILE B 211 -32.70 -2.84 9.02
CA ILE B 211 -32.55 -4.19 9.54
C ILE B 211 -33.63 -4.43 10.57
N THR B 212 -34.42 -5.48 10.37
CA THR B 212 -35.44 -5.90 11.32
C THR B 212 -34.98 -7.20 11.97
N TRP B 213 -34.57 -7.11 13.23
CA TRP B 213 -34.03 -8.27 13.92
C TRP B 213 -35.10 -9.30 14.27
N SER B 214 -36.38 -8.96 14.14
CA SER B 214 -37.43 -9.95 14.29
C SER B 214 -37.62 -10.79 13.04
N GLU B 215 -37.04 -10.38 11.91
CA GLU B 215 -37.15 -11.10 10.66
C GLU B 215 -35.92 -11.94 10.34
N VAL B 216 -34.99 -12.06 11.28
CA VAL B 216 -33.80 -12.88 11.05
C VAL B 216 -34.20 -14.34 11.03
N GLN B 217 -33.61 -15.10 10.10
CA GLN B 217 -33.92 -16.52 9.93
C GLN B 217 -32.73 -17.33 10.40
N VAL B 218 -32.89 -17.99 11.55
CA VAL B 218 -31.82 -18.86 12.06
C VAL B 218 -31.49 -19.97 11.09
N PRO B 219 -32.45 -20.65 10.44
CA PRO B 219 -32.05 -21.69 9.48
C PRO B 219 -31.15 -21.18 8.36
N LEU B 220 -31.49 -20.04 7.75
CA LEU B 220 -30.60 -19.49 6.72
C LEU B 220 -29.31 -18.99 7.33
N LEU B 221 -29.36 -18.48 8.57
CA LEU B 221 -28.14 -18.00 9.22
C LEU B 221 -27.16 -19.14 9.44
N LEU B 222 -27.66 -20.34 9.73
CA LEU B 222 -26.83 -21.53 9.82
C LEU B 222 -26.41 -22.03 8.44
N ARG B 223 -27.32 -21.99 7.47
CA ARG B 223 -27.01 -22.39 6.10
C ARG B 223 -25.95 -21.50 5.47
N ALA B 224 -25.70 -20.33 6.06
CA ALA B 224 -24.62 -19.47 5.60
C ALA B 224 -23.24 -20.07 5.83
N ILE B 225 -23.13 -21.15 6.61
CA ILE B 225 -21.84 -21.79 6.85
C ILE B 225 -21.37 -22.52 5.58
N PRO B 226 -22.10 -23.50 5.03
CA PRO B 226 -21.66 -24.09 3.76
C PRO B 226 -21.62 -23.09 2.63
N VAL B 227 -22.54 -22.13 2.60
CA VAL B 227 -22.52 -21.09 1.57
C VAL B 227 -21.27 -20.24 1.74
N GLY B 228 -20.90 -19.93 2.97
CA GLY B 228 -19.65 -19.21 3.20
C GLY B 228 -18.44 -20.00 2.75
N ILE B 229 -18.48 -21.32 2.95
CA ILE B 229 -17.40 -22.18 2.45
C ILE B 229 -17.31 -22.09 0.94
N GLY B 230 -18.46 -22.19 0.27
CA GLY B 230 -18.49 -22.16 -1.18
C GLY B 230 -18.16 -20.81 -1.78
N GLN B 231 -18.35 -19.74 -1.01
CA GLN B 231 -18.06 -18.40 -1.51
C GLN B 231 -16.57 -18.17 -1.72
N VAL B 232 -15.71 -19.06 -1.25
CA VAL B 232 -14.28 -18.93 -1.51
C VAL B 232 -14.03 -18.92 -3.01
N TYR B 233 -14.70 -19.79 -3.75
CA TYR B 233 -14.59 -19.84 -5.20
C TYR B 233 -15.56 -18.89 -5.90
N GLY B 234 -16.41 -18.19 -5.15
CA GLY B 234 -17.40 -17.31 -5.73
C GLY B 234 -18.78 -17.92 -5.89
N CYS B 235 -18.99 -19.14 -5.41
CA CYS B 235 -20.26 -19.83 -5.58
C CYS B 235 -21.14 -19.66 -4.35
N ASP B 236 -22.42 -19.38 -4.60
CA ASP B 236 -23.38 -19.12 -3.53
C ASP B 236 -24.37 -20.26 -3.33
N ASN B 237 -24.24 -21.34 -4.06
CA ASN B 237 -25.14 -22.48 -3.94
C ASN B 237 -24.82 -23.26 -2.67
N PRO B 238 -25.82 -23.56 -1.84
CA PRO B 238 -25.54 -24.42 -0.66
C PRO B 238 -24.99 -25.79 -1.02
N TRP B 239 -25.44 -26.36 -2.14
CA TRP B 239 -24.99 -27.69 -2.51
C TRP B 239 -23.51 -27.69 -2.88
N THR B 240 -23.04 -26.67 -3.60
CA THR B 240 -21.62 -26.62 -3.90
C THR B 240 -20.79 -26.34 -2.65
N GLY B 241 -21.35 -25.65 -1.67
CA GLY B 241 -20.67 -25.50 -0.40
C GLY B 241 -20.53 -26.81 0.35
N GLY B 242 -21.59 -27.62 0.36
CA GLY B 242 -21.49 -28.94 0.94
C GLY B 242 -20.51 -29.82 0.20
N ILE B 243 -20.47 -29.71 -1.12
CA ILE B 243 -19.51 -30.46 -1.91
C ILE B 243 -18.09 -30.05 -1.56
N PHE B 244 -17.87 -28.74 -1.38
CA PHE B 244 -16.54 -28.26 -0.98
C PHE B 244 -16.16 -28.78 0.40
N LEU B 245 -17.12 -28.81 1.33
CA LEU B 245 -16.82 -29.37 2.66
C LEU B 245 -16.45 -30.84 2.56
N ILE B 246 -17.17 -31.59 1.73
CA ILE B 246 -16.84 -33.00 1.55
C ILE B 246 -15.44 -33.16 0.97
N ALA B 247 -15.12 -32.34 -0.03
CA ALA B 247 -13.79 -32.41 -0.65
C ALA B 247 -12.70 -32.08 0.36
N LEU B 248 -12.95 -31.11 1.23
CA LEU B 248 -12.00 -30.79 2.29
C LEU B 248 -11.84 -31.96 3.24
N PHE B 249 -12.95 -32.62 3.60
CA PHE B 249 -12.87 -33.74 4.53
C PHE B 249 -12.12 -34.93 3.93
N ILE B 250 -12.20 -35.10 2.61
CA ILE B 250 -11.49 -36.21 1.97
C ILE B 250 -10.00 -36.13 2.25
N SER B 251 -9.42 -34.95 2.08
CA SER B 251 -7.98 -34.81 2.25
C SER B 251 -7.58 -34.83 3.72
N SER B 252 -8.16 -33.93 4.51
CA SER B 252 -7.83 -33.86 5.92
C SER B 252 -8.98 -33.28 6.72
N PRO B 253 -9.49 -34.01 7.73
CA PRO B 253 -10.64 -33.52 8.50
C PRO B 253 -10.39 -32.20 9.22
N LEU B 254 -9.16 -31.92 9.63
CA LEU B 254 -8.89 -30.69 10.35
C LEU B 254 -9.15 -29.48 9.48
N ILE B 255 -8.83 -29.57 8.18
CA ILE B 255 -9.10 -28.45 7.28
C ILE B 255 -10.60 -28.21 7.17
N CYS B 256 -11.40 -29.28 7.10
CA CYS B 256 -12.84 -29.12 7.04
C CYS B 256 -13.39 -28.49 8.31
N LEU B 257 -12.92 -28.96 9.47
CA LEU B 257 -13.38 -28.40 10.74
C LEU B 257 -13.01 -26.92 10.84
N HIS B 258 -11.79 -26.56 10.47
CA HIS B 258 -11.38 -25.17 10.55
C HIS B 258 -12.09 -24.32 9.52
N ALA B 259 -12.44 -24.88 8.37
CA ALA B 259 -13.23 -24.14 7.39
C ALA B 259 -14.61 -23.82 7.94
N ALA B 260 -15.28 -24.82 8.52
CA ALA B 260 -16.60 -24.57 9.10
C ALA B 260 -16.53 -23.56 10.23
N ILE B 261 -15.51 -23.69 11.09
CA ILE B 261 -15.35 -22.75 12.20
C ILE B 261 -15.09 -21.34 11.69
N GLY B 262 -14.24 -21.21 10.67
CA GLY B 262 -13.98 -19.89 10.12
C GLY B 262 -15.20 -19.26 9.48
N SER B 263 -15.98 -20.07 8.76
CA SER B 263 -17.20 -19.54 8.15
C SER B 263 -18.19 -19.08 9.22
N THR B 264 -18.38 -19.88 10.27
CA THR B 264 -19.32 -19.46 11.31
C THR B 264 -18.80 -18.25 12.08
N MET B 265 -17.48 -18.14 12.25
CA MET B 265 -16.93 -16.94 12.89
C MET B 265 -17.10 -15.71 12.02
N GLY B 266 -16.96 -15.85 10.71
CA GLY B 266 -17.22 -14.73 9.82
C GLY B 266 -18.67 -14.28 9.90
N MET B 267 -19.60 -15.24 9.93
CA MET B 267 -21.01 -14.89 10.07
C MET B 267 -21.28 -14.20 11.41
N LEU B 268 -20.74 -14.74 12.50
CA LEU B 268 -20.97 -14.15 13.82
C LEU B 268 -20.36 -12.74 13.90
N ALA B 269 -19.17 -12.56 13.33
CA ALA B 269 -18.55 -11.24 13.33
C ALA B 269 -19.31 -10.26 12.46
N ALA B 270 -19.92 -10.72 11.37
CA ALA B 270 -20.77 -9.85 10.57
C ALA B 270 -22.04 -9.45 11.28
N LEU B 271 -22.60 -10.34 12.11
CA LEU B 271 -23.79 -9.95 12.87
C LEU B 271 -23.50 -8.86 13.89
N THR B 272 -22.27 -8.81 14.42
CA THR B 272 -21.96 -7.91 15.51
C THR B 272 -21.84 -6.45 15.07
N ILE B 273 -21.66 -6.19 13.78
CA ILE B 273 -21.61 -4.82 13.28
C ILE B 273 -22.84 -4.49 12.44
N ALA B 274 -23.93 -5.23 12.65
CA ALA B 274 -25.21 -4.98 11.98
C ALA B 274 -25.06 -5.00 10.47
N THR B 275 -24.42 -6.04 9.96
CA THR B 275 -24.40 -6.28 8.52
C THR B 275 -25.79 -6.67 8.05
N PRO B 276 -26.23 -6.18 6.88
CA PRO B 276 -27.53 -6.61 6.37
C PRO B 276 -27.59 -8.13 6.21
N PHE B 277 -28.75 -8.69 6.52
CA PHE B 277 -28.89 -10.15 6.54
C PHE B 277 -28.72 -10.75 5.15
N ASP B 278 -28.94 -9.95 4.10
CA ASP B 278 -28.77 -10.48 2.74
C ASP B 278 -27.32 -10.84 2.46
N SER B 279 -26.39 -10.02 2.95
CA SER B 279 -24.97 -10.33 2.77
C SER B 279 -24.58 -11.58 3.55
N ILE B 280 -25.10 -11.74 4.76
CA ILE B 280 -24.75 -12.90 5.57
C ILE B 280 -25.32 -14.17 4.97
N TYR B 281 -26.60 -14.15 4.57
CA TYR B 281 -27.21 -15.34 3.96
C TYR B 281 -26.49 -15.74 2.69
N PHE B 282 -26.02 -14.76 1.92
CA PHE B 282 -25.34 -15.03 0.67
C PHE B 282 -23.94 -15.60 0.87
N GLY B 283 -23.43 -15.61 2.11
CA GLY B 283 -22.09 -16.11 2.35
C GLY B 283 -20.99 -15.14 2.06
N LEU B 284 -21.31 -13.90 1.68
CA LEU B 284 -20.28 -12.92 1.36
C LEU B 284 -19.49 -12.46 2.58
N CYS B 285 -19.94 -12.80 3.79
CA CYS B 285 -19.28 -12.33 4.99
C CYS B 285 -18.42 -13.39 5.65
N GLY B 286 -18.21 -14.54 5.02
CA GLY B 286 -17.48 -15.61 5.68
C GLY B 286 -16.56 -16.44 4.82
N PHE B 287 -16.03 -15.90 3.72
CA PHE B 287 -15.07 -16.67 2.94
C PHE B 287 -13.63 -16.27 3.26
N ASN B 288 -13.38 -14.98 3.47
CA ASN B 288 -12.08 -14.58 3.99
C ASN B 288 -11.84 -15.20 5.36
N SER B 289 -12.87 -15.27 6.19
CA SER B 289 -12.72 -15.84 7.52
C SER B 289 -12.40 -17.33 7.44
N THR B 290 -13.08 -18.08 6.58
CA THR B 290 -12.78 -19.50 6.50
C THR B 290 -11.40 -19.74 5.93
N LEU B 291 -10.98 -18.95 4.94
CA LEU B 291 -9.62 -19.10 4.44
C LEU B 291 -8.58 -18.80 5.51
N ALA B 292 -8.81 -17.75 6.30
CA ALA B 292 -7.86 -17.40 7.36
C ALA B 292 -7.83 -18.46 8.45
N CYS B 293 -8.99 -19.00 8.81
CA CYS B 293 -9.02 -20.06 9.81
C CYS B 293 -8.32 -21.32 9.31
N ILE B 294 -8.50 -21.67 8.04
CA ILE B 294 -7.78 -22.80 7.48
C ILE B 294 -6.28 -22.55 7.52
N ALA B 295 -5.85 -21.34 7.14
CA ALA B 295 -4.42 -21.05 7.04
C ALA B 295 -3.76 -21.10 8.41
N ILE B 296 -4.33 -20.41 9.40
CA ILE B 296 -3.68 -20.33 10.71
C ILE B 296 -4.02 -21.52 11.59
N GLY B 297 -5.01 -22.32 11.22
CA GLY B 297 -5.49 -23.38 12.06
C GLY B 297 -4.46 -24.46 12.38
N GLY B 298 -4.08 -25.23 11.37
CA GLY B 298 -3.13 -26.29 11.60
C GLY B 298 -2.15 -26.47 10.47
N MET B 299 -2.27 -25.66 9.44
CA MET B 299 -1.38 -25.77 8.29
C MET B 299 -0.08 -25.04 8.56
N PHE B 300 -0.15 -23.73 8.54
CA PHE B 300 1.07 -22.94 8.66
C PHE B 300 1.56 -22.83 10.10
N TYR B 301 0.75 -23.25 11.06
CA TYR B 301 1.15 -23.43 12.44
C TYR B 301 0.90 -24.88 12.82
N VAL B 302 1.66 -25.38 13.79
CA VAL B 302 1.38 -26.71 14.30
C VAL B 302 0.10 -26.66 15.13
N ILE B 303 -0.84 -27.56 14.84
CA ILE B 303 -2.16 -27.47 15.44
C ILE B 303 -2.09 -27.73 16.93
N THR B 304 -2.64 -26.81 17.71
CA THR B 304 -2.70 -26.90 19.16
C THR B 304 -3.86 -26.02 19.61
N TRP B 305 -4.33 -26.25 20.84
CA TRP B 305 -5.44 -25.45 21.34
C TRP B 305 -5.09 -23.97 21.35
N GLN B 306 -3.83 -23.64 21.68
CA GLN B 306 -3.38 -22.26 21.54
C GLN B 306 -3.47 -21.80 20.09
N THR B 307 -3.02 -22.65 19.17
CA THR B 307 -3.10 -22.30 17.76
C THR B 307 -4.54 -22.33 17.26
N HIS B 308 -5.39 -23.17 17.84
CA HIS B 308 -6.82 -23.14 17.50
C HIS B 308 -7.44 -21.79 17.87
N LEU B 309 -7.13 -21.31 19.08
CA LEU B 309 -7.63 -20.00 19.48
C LEU B 309 -7.03 -18.89 18.61
N LEU B 310 -5.76 -19.02 18.24
CA LEU B 310 -5.16 -18.05 17.34
C LEU B 310 -5.87 -18.05 15.99
N ALA B 311 -6.24 -19.23 15.49
CA ALA B 311 -6.98 -19.32 14.23
C ALA B 311 -8.35 -18.68 14.33
N ILE B 312 -9.04 -18.88 15.46
CA ILE B 312 -10.35 -18.27 15.64
C ILE B 312 -10.20 -16.74 15.69
N ALA B 313 -9.19 -16.25 16.38
CA ALA B 313 -8.93 -14.81 16.42
C ALA B 313 -8.60 -14.28 15.03
N CYS B 314 -7.85 -15.03 14.26
CA CYS B 314 -7.53 -14.61 12.89
C CYS B 314 -8.77 -14.60 12.01
N ALA B 315 -9.68 -15.56 12.21
CA ALA B 315 -10.92 -15.55 11.46
C ALA B 315 -11.76 -14.33 11.80
N LEU B 316 -11.84 -13.97 13.08
CA LEU B 316 -12.58 -12.77 13.47
C LEU B 316 -11.93 -11.52 12.87
N PHE B 317 -10.61 -11.42 12.95
CA PHE B 317 -9.92 -10.26 12.40
C PHE B 317 -10.09 -10.19 10.89
N ALA B 318 -10.09 -11.34 10.21
CA ALA B 318 -10.28 -11.36 8.77
C ALA B 318 -11.71 -10.95 8.41
N ALA B 319 -12.69 -11.34 9.23
CA ALA B 319 -14.06 -10.90 8.97
C ALA B 319 -14.20 -9.39 9.12
N TYR B 320 -13.62 -8.82 10.19
CA TYR B 320 -13.72 -7.38 10.37
C TYR B 320 -12.95 -6.62 9.29
N LEU B 321 -11.76 -7.12 8.93
CA LEU B 321 -11.03 -6.53 7.81
C LEU B 321 -11.79 -6.70 6.51
N GLY B 322 -12.56 -7.77 6.37
CA GLY B 322 -13.39 -7.93 5.19
C GLY B 322 -14.48 -6.90 5.11
N ALA B 323 -15.13 -6.62 6.23
CA ALA B 323 -16.11 -5.53 6.25
C ALA B 323 -15.45 -4.20 5.91
N ALA B 324 -14.28 -3.93 6.49
CA ALA B 324 -13.58 -2.67 6.24
C ALA B 324 -13.20 -2.53 4.77
N LEU B 325 -12.65 -3.58 4.18
CA LEU B 325 -12.23 -3.51 2.78
C LEU B 325 -13.40 -3.56 1.83
N ALA B 326 -14.50 -4.22 2.17
CA ALA B 326 -15.70 -4.13 1.37
C ALA B 326 -16.25 -2.71 1.35
N ASN B 327 -16.18 -2.02 2.48
CA ASN B 327 -16.65 -0.63 2.51
C ASN B 327 -15.67 0.32 1.83
N MET B 328 -14.38 0.01 1.84
CA MET B 328 -13.39 0.91 1.26
C MET B 328 -13.22 0.71 -0.25
N LEU B 329 -13.01 -0.54 -0.68
CA LEU B 329 -12.82 -0.83 -2.10
C LEU B 329 -14.06 -0.57 -2.92
N SER B 330 -15.24 -0.58 -2.30
CA SER B 330 -16.47 -0.30 -3.06
C SER B 330 -16.52 1.13 -3.55
N VAL B 331 -15.67 2.01 -3.00
CA VAL B 331 -15.57 3.37 -3.52
C VAL B 331 -15.07 3.34 -4.97
N PHE B 332 -14.09 2.49 -5.26
CA PHE B 332 -13.61 2.31 -6.61
C PHE B 332 -14.51 1.42 -7.45
N GLY B 333 -15.52 0.79 -6.85
CA GLY B 333 -16.33 -0.19 -7.53
C GLY B 333 -15.83 -1.61 -7.47
N LEU B 334 -14.75 -1.86 -6.75
CA LEU B 334 -14.14 -3.17 -6.64
C LEU B 334 -14.63 -3.89 -5.39
N PRO B 335 -14.71 -5.22 -5.44
CA PRO B 335 -15.12 -5.98 -4.27
C PRO B 335 -13.92 -6.42 -3.46
N PRO B 336 -14.13 -6.86 -2.22
CA PRO B 336 -13.04 -7.50 -1.46
C PRO B 336 -12.88 -8.94 -1.90
N CYS B 337 -11.87 -9.21 -2.70
CA CYS B 337 -11.65 -10.54 -3.26
C CYS B 337 -10.41 -11.12 -2.58
N THR B 338 -10.62 -11.75 -1.43
CA THR B 338 -9.60 -12.48 -0.68
C THR B 338 -8.48 -11.57 -0.19
N TRP B 339 -8.58 -10.26 -0.39
CA TRP B 339 -7.67 -9.33 0.26
C TRP B 339 -7.67 -9.47 1.77
N PRO B 340 -8.81 -9.52 2.46
CA PRO B 340 -8.77 -9.65 3.93
C PRO B 340 -8.09 -10.91 4.41
N PHE B 341 -8.33 -12.03 3.73
CA PHE B 341 -7.66 -13.27 4.11
C PHE B 341 -6.15 -13.12 4.03
N CYS B 342 -5.65 -12.60 2.91
CA CYS B 342 -4.22 -12.46 2.74
C CYS B 342 -3.63 -11.54 3.80
N LEU B 343 -4.26 -10.38 4.02
CA LEU B 343 -3.70 -9.42 4.97
C LEU B 343 -3.71 -9.97 6.39
N SER B 344 -4.82 -10.60 6.81
CA SER B 344 -4.90 -11.09 8.18
C SER B 344 -4.01 -12.32 8.39
N ALA B 345 -3.92 -13.21 7.39
CA ALA B 345 -3.05 -14.35 7.51
C ALA B 345 -1.58 -13.92 7.56
N LEU B 346 -1.20 -12.93 6.77
CA LEU B 346 0.16 -12.41 6.86
C LEU B 346 0.41 -11.78 8.22
N THR B 347 -0.53 -10.97 8.71
CA THR B 347 -0.30 -10.33 10.00
C THR B 347 -0.37 -11.30 11.18
N PHE B 348 -0.90 -12.51 10.98
CA PHE B 348 -0.89 -13.51 12.02
C PHE B 348 0.21 -14.55 11.86
N LEU B 349 0.87 -14.58 10.70
CA LEU B 349 2.05 -15.44 10.53
C LEU B 349 3.35 -14.72 10.86
N LEU B 350 3.35 -13.40 10.83
CA LEU B 350 4.50 -12.62 11.27
C LEU B 350 4.53 -12.43 12.78
N LEU B 351 3.44 -12.75 13.47
CA LEU B 351 3.37 -12.60 14.91
C LEU B 351 4.42 -13.48 15.58
N THR B 352 5.18 -12.88 16.50
CA THR B 352 6.20 -13.59 17.26
C THR B 352 5.70 -13.77 18.69
N THR B 353 5.68 -15.02 19.15
CA THR B 353 5.11 -15.35 20.45
C THR B 353 6.06 -16.31 21.17
N ASN B 354 6.33 -16.02 22.45
CA ASN B 354 7.41 -16.69 23.15
C ASN B 354 7.09 -18.14 23.48
N ASN B 355 5.83 -18.46 23.76
CA ASN B 355 5.53 -19.81 24.25
C ASN B 355 5.76 -20.84 23.14
N PRO B 356 6.17 -22.06 23.48
CA PRO B 356 6.51 -23.04 22.44
C PRO B 356 5.30 -23.67 21.77
N ALA B 357 4.10 -23.47 22.28
CA ALA B 357 2.93 -24.08 21.67
C ALA B 357 2.62 -23.48 20.30
N ILE B 358 2.77 -22.16 20.17
CA ILE B 358 2.50 -21.48 18.91
C ILE B 358 3.77 -21.58 18.08
N TYR B 359 3.87 -22.64 17.28
CA TYR B 359 5.05 -22.93 16.47
C TYR B 359 4.69 -22.76 15.00
N LYS B 360 5.48 -21.97 14.29
CA LYS B 360 5.29 -21.75 12.86
C LYS B 360 6.22 -22.67 12.08
N LEU B 361 5.66 -23.39 11.12
CA LEU B 361 6.44 -24.35 10.34
C LEU B 361 7.13 -23.67 9.16
N PRO B 362 8.36 -24.18 8.85
CA PRO B 362 9.01 -23.62 7.69
C PRO B 362 8.19 -23.98 6.53
N LEU B 363 8.12 -23.13 5.54
CA LEU B 363 7.25 -23.42 4.45
C LEU B 363 7.70 -24.68 3.80
N SER B 364 8.97 -25.04 3.82
CA SER B 364 9.38 -26.22 3.08
C SER B 364 8.63 -27.44 3.55
N LYS B 365 8.35 -27.53 4.83
CA LYS B 365 7.68 -28.69 5.38
C LYS B 365 6.18 -28.61 5.68
N VAL B 366 5.49 -27.57 5.21
CA VAL B 366 4.04 -27.49 5.39
C VAL B 366 3.36 -28.33 4.35
N THR B 367 2.51 -29.27 4.76
CA THR B 367 1.77 -30.12 3.83
C THR B 367 0.31 -30.06 4.21
N TYR B 368 -0.12 -30.76 5.25
CA TYR B 368 -1.49 -30.64 5.73
C TYR B 368 -1.48 -30.83 7.24
N PRO B 369 -2.50 -30.31 7.95
CA PRO B 369 -2.38 -30.15 9.41
C PRO B 369 -2.02 -31.41 10.17
N GLU B 370 -2.60 -32.55 9.80
CA GLU B 370 -2.30 -33.79 10.53
C GLU B 370 -0.85 -34.22 10.30
N ALA B 371 -0.39 -34.19 9.05
CA ALA B 371 1.00 -34.49 8.78
C ALA B 371 1.92 -33.45 9.41
N ASN B 372 1.47 -32.19 9.48
CA ASN B 372 2.25 -31.16 10.14
C ASN B 372 2.47 -31.50 11.61
N ARG B 373 1.40 -31.88 12.31
CA ARG B 373 1.53 -32.27 13.71
C ARG B 373 2.40 -33.51 13.86
N ILE B 374 2.23 -34.50 12.99
CA ILE B 374 3.03 -35.71 13.07
C ILE B 374 4.51 -35.37 12.92
N TYR B 375 4.84 -34.53 11.94
CA TYR B 375 6.23 -34.14 11.75
C TYR B 375 6.76 -33.35 12.95
N TYR B 376 5.94 -32.47 13.52
CA TYR B 376 6.42 -31.67 14.64
C TYR B 376 6.75 -32.55 15.83
N LEU B 377 5.88 -33.51 16.15
CA LEU B 377 6.19 -34.44 17.24
C LEU B 377 7.38 -35.33 16.89
N SER B 378 7.52 -35.71 15.63
CA SER B 378 8.70 -36.50 15.24
C SER B 378 9.99 -35.72 15.45
N GLN B 379 9.98 -34.43 15.10
CA GLN B 379 11.17 -33.61 15.24
C GLN B 379 11.48 -33.31 16.71
N GLU B 380 10.44 -33.07 17.52
CA GLU B 380 10.67 -32.76 18.93
C GLU B 380 11.27 -33.95 19.67
N ARG B 381 10.79 -35.16 19.38
CA ARG B 381 11.31 -36.36 20.03
C ARG B 381 12.43 -36.99 19.20
N LYS C 51 6.60 -4.74 44.88
CA LYS C 51 5.27 -4.16 44.72
C LYS C 51 4.28 -5.21 44.25
N SER C 52 3.00 -5.00 44.55
CA SER C 52 1.96 -5.93 44.17
C SER C 52 1.84 -5.98 42.64
N PRO C 53 1.45 -7.13 42.08
CA PRO C 53 1.31 -7.22 40.62
C PRO C 53 0.33 -6.23 40.04
N VAL C 54 -0.73 -5.89 40.78
CA VAL C 54 -1.70 -4.91 40.29
C VAL C 54 -1.04 -3.54 40.14
N PHE C 55 -0.24 -3.14 41.12
CA PHE C 55 0.48 -1.88 41.02
C PHE C 55 1.45 -1.89 39.85
N GLN C 56 2.11 -3.02 39.62
CA GLN C 56 3.01 -3.13 38.47
C GLN C 56 2.24 -2.99 37.16
N PHE C 57 1.06 -3.60 37.07
CA PHE C 57 0.26 -3.50 35.85
C PHE C 57 -0.19 -2.06 35.62
N PHE C 58 -0.62 -1.38 36.67
CA PHE C 58 -1.01 0.01 36.50
C PHE C 58 0.17 0.91 36.18
N ASP C 59 1.37 0.57 36.67
CA ASP C 59 2.57 1.28 36.25
C ASP C 59 2.82 1.09 34.76
N TRP C 60 2.64 -0.15 34.27
CA TRP C 60 2.78 -0.40 32.84
C TRP C 60 1.77 0.40 32.03
N VAL C 61 0.53 0.47 32.53
CA VAL C 61 -0.50 1.23 31.83
C VAL C 61 -0.16 2.72 31.81
N LEU C 62 0.35 3.24 32.93
CA LEU C 62 0.70 4.65 33.00
C LEU C 62 1.86 4.98 32.07
N ARG C 63 2.84 4.08 31.96
CA ARG C 63 3.92 4.32 31.01
C ARG C 63 3.43 4.20 29.57
N GLY C 64 2.49 3.29 29.32
CA GLY C 64 1.95 3.17 27.97
C GLY C 64 1.17 4.39 27.53
N THR C 65 0.36 4.95 28.42
CA THR C 65 -0.44 6.11 28.05
C THR C 65 0.41 7.34 27.76
N SER C 66 1.68 7.33 28.16
CA SER C 66 2.60 8.42 27.86
C SER C 66 3.57 8.09 26.74
N GLN C 67 3.74 6.82 26.42
CA GLN C 67 4.63 6.42 25.34
C GLN C 67 4.18 6.93 23.97
N VAL C 68 2.93 7.39 23.87
CA VAL C 68 2.47 7.98 22.61
C VAL C 68 3.36 9.17 22.22
N MET C 69 3.65 10.02 23.19
CA MET C 69 4.51 11.18 22.99
C MET C 69 5.98 10.85 23.17
N PHE C 70 6.34 9.57 23.14
CA PHE C 70 7.73 9.11 23.17
C PHE C 70 8.39 9.36 24.51
N VAL C 71 7.64 9.31 25.61
CA VAL C 71 8.18 9.46 26.95
C VAL C 71 7.79 8.23 27.77
N ASN C 72 8.76 7.68 28.50
CA ASN C 72 8.55 6.54 29.38
C ASN C 72 8.68 7.06 30.81
N ASN C 73 7.57 7.57 31.34
CA ASN C 73 7.59 8.15 32.68
C ASN C 73 6.20 8.04 33.30
N PRO C 74 6.05 7.32 34.42
CA PRO C 74 4.72 7.18 35.02
C PRO C 74 4.09 8.50 35.43
N LEU C 75 4.88 9.47 35.89
CA LEU C 75 4.32 10.75 36.27
C LEU C 75 3.77 11.50 35.05
N SER C 76 4.50 11.45 33.93
CA SER C 76 3.98 12.04 32.71
C SER C 76 2.73 11.31 32.23
N GLY C 77 2.67 10.00 32.46
CA GLY C 77 1.45 9.27 32.16
C GLY C 77 0.28 9.73 33.00
N ILE C 78 0.50 9.97 34.28
CA ILE C 78 -0.55 10.49 35.15
C ILE C 78 -1.01 11.86 34.67
N LEU C 79 -0.05 12.72 34.32
CA LEU C 79 -0.41 14.04 33.83
C LEU C 79 -1.22 13.96 32.54
N ILE C 80 -0.84 13.06 31.63
CA ILE C 80 -1.58 12.93 30.37
C ILE C 80 -2.98 12.38 30.63
N ILE C 81 -3.12 11.44 31.56
CA ILE C 81 -4.45 10.93 31.91
C ILE C 81 -5.30 12.04 32.51
N LEU C 82 -4.70 12.88 33.36
CA LEU C 82 -5.42 14.01 33.92
C LEU C 82 -5.85 14.97 32.83
N GLY C 83 -4.99 15.20 31.83
CA GLY C 83 -5.39 16.03 30.70
C GLY C 83 -6.54 15.46 29.92
N LEU C 84 -6.51 14.14 29.67
CA LEU C 84 -7.61 13.49 28.95
C LEU C 84 -8.91 13.61 29.73
N PHE C 85 -8.85 13.47 31.05
CA PHE C 85 -10.06 13.65 31.86
C PHE C 85 -10.51 15.10 31.89
N ILE C 86 -9.58 16.04 31.82
CA ILE C 86 -9.94 17.45 31.74
C ILE C 86 -10.70 17.73 30.45
N GLN C 87 -10.22 17.16 29.34
CA GLN C 87 -10.86 17.44 28.05
C GLN C 87 -12.22 16.77 27.95
N ASN C 88 -12.28 15.45 28.13
CA ASN C 88 -13.53 14.71 28.08
C ASN C 88 -13.42 13.42 28.88
N PRO C 89 -14.17 13.27 29.98
CA PRO C 89 -14.05 12.05 30.78
C PRO C 89 -14.38 10.77 30.01
N TRP C 90 -15.33 10.82 29.09
CA TRP C 90 -15.69 9.63 28.34
C TRP C 90 -14.53 9.17 27.46
N TRP C 91 -13.85 10.10 26.80
CA TRP C 91 -12.69 9.74 26.00
C TRP C 91 -11.60 9.16 26.88
N ALA C 92 -11.42 9.71 28.08
CA ALA C 92 -10.42 9.18 28.99
C ALA C 92 -10.75 7.75 29.41
N ILE C 93 -12.02 7.46 29.69
CA ILE C 93 -12.41 6.11 30.04
C ILE C 93 -12.16 5.15 28.88
N SER C 94 -12.53 5.57 27.67
CA SER C 94 -12.31 4.72 26.51
C SER C 94 -10.83 4.47 26.26
N GLY C 95 -10.00 5.51 26.40
CA GLY C 95 -8.57 5.33 26.22
C GLY C 95 -7.93 4.45 27.28
N CYS C 96 -8.36 4.62 28.53
CA CYS C 96 -7.84 3.77 29.59
C CYS C 96 -8.22 2.31 29.37
N LEU C 97 -9.47 2.06 28.95
CA LEU C 97 -9.86 0.70 28.63
C LEU C 97 -9.04 0.14 27.48
N GLY C 98 -8.78 0.96 26.45
CA GLY C 98 -7.95 0.52 25.36
C GLY C 98 -6.55 0.14 25.81
N THR C 99 -5.94 0.97 26.65
CA THR C 99 -4.59 0.66 27.15
C THR C 99 -4.60 -0.62 27.97
N ILE C 100 -5.58 -0.77 28.85
CA ILE C 100 -5.65 -1.93 29.72
C ILE C 100 -5.77 -3.20 28.89
N MET C 101 -6.65 -3.17 27.89
CA MET C 101 -6.86 -4.39 27.10
C MET C 101 -5.69 -4.66 26.16
N SER C 102 -5.01 -3.62 25.66
CA SER C 102 -3.83 -3.85 24.84
C SER C 102 -2.70 -4.47 25.66
N THR C 103 -2.48 -3.98 26.88
CA THR C 103 -1.44 -4.57 27.72
C THR C 103 -1.83 -5.99 28.14
N LEU C 104 -3.11 -6.24 28.42
CA LEU C 104 -3.54 -7.58 28.77
C LEU C 104 -3.37 -8.55 27.60
N THR C 105 -3.63 -8.10 26.37
CA THR C 105 -3.40 -8.95 25.22
C THR C 105 -1.90 -9.18 24.98
N ALA C 106 -1.08 -8.18 25.29
CA ALA C 106 0.37 -8.38 25.20
C ALA C 106 0.83 -9.44 26.20
N LEU C 107 0.28 -9.40 27.41
CA LEU C 107 0.62 -10.44 28.40
C LEU C 107 0.11 -11.80 27.95
N ILE C 108 -1.12 -11.86 27.43
CA ILE C 108 -1.71 -13.13 27.04
C ILE C 108 -0.91 -13.76 25.90
N LEU C 109 -0.54 -12.96 24.90
CA LEU C 109 0.23 -13.43 23.76
C LEU C 109 1.70 -13.64 24.08
N SER C 110 2.07 -13.60 25.36
CA SER C 110 3.42 -13.93 25.81
C SER C 110 4.48 -13.11 25.07
N GLN C 111 4.23 -11.81 24.98
CA GLN C 111 5.21 -10.89 24.42
C GLN C 111 6.31 -10.60 25.45
N ASP C 112 7.38 -9.97 24.97
CA ASP C 112 8.53 -9.71 25.82
C ASP C 112 8.13 -8.89 27.04
N LYS C 113 8.57 -9.34 28.21
CA LYS C 113 8.16 -8.67 29.45
C LYS C 113 8.81 -7.29 29.57
N SER C 114 10.00 -7.13 29.02
CA SER C 114 10.64 -5.81 29.03
C SER C 114 9.87 -4.83 28.17
N ALA C 115 9.35 -5.27 27.03
CA ALA C 115 8.54 -4.40 26.19
C ALA C 115 7.27 -3.96 26.90
N ILE C 116 6.59 -4.90 27.57
CA ILE C 116 5.36 -4.56 28.29
C ILE C 116 5.67 -3.62 29.45
N ALA C 117 6.74 -3.90 30.20
CA ALA C 117 7.06 -3.08 31.36
C ALA C 117 7.39 -1.65 30.98
N ALA C 118 7.94 -1.46 29.78
CA ALA C 118 8.24 -0.12 29.29
C ALA C 118 7.04 0.56 28.65
N GLY C 119 5.89 -0.10 28.62
CA GLY C 119 4.70 0.48 28.02
C GLY C 119 4.72 0.51 26.51
N PHE C 120 5.52 -0.34 25.88
CA PHE C 120 5.60 -0.38 24.43
C PHE C 120 4.37 -0.99 23.78
N HIS C 121 3.50 -1.63 24.55
CA HIS C 121 2.28 -2.20 24.02
C HIS C 121 1.02 -1.45 24.43
N GLY C 122 1.08 -0.65 25.49
CA GLY C 122 -0.08 0.09 25.92
C GLY C 122 -0.26 1.41 25.21
N TYR C 123 0.75 1.84 24.45
CA TYR C 123 0.67 3.15 23.82
C TYR C 123 -0.15 3.14 22.54
N ASN C 124 -0.61 1.98 22.09
CA ASN C 124 -1.49 1.90 20.95
C ASN C 124 -2.96 1.69 21.34
N GLY C 125 -3.20 0.98 22.44
CA GLY C 125 -4.56 0.85 22.93
C GLY C 125 -5.17 2.17 23.36
N VAL C 126 -4.37 3.06 23.95
CA VAL C 126 -4.89 4.35 24.35
C VAL C 126 -5.35 5.14 23.12
N LEU C 127 -4.55 5.12 22.06
CA LEU C 127 -4.93 5.87 20.87
C LEU C 127 -6.12 5.22 20.18
N VAL C 128 -6.18 3.88 20.16
CA VAL C 128 -7.33 3.20 19.57
C VAL C 128 -8.61 3.56 20.31
N GLY C 129 -8.61 3.46 21.63
CA GLY C 129 -9.79 3.81 22.39
C GLY C 129 -10.17 5.27 22.24
N LEU C 130 -9.18 6.17 22.36
CA LEU C 130 -9.47 7.59 22.27
C LEU C 130 -10.03 7.97 20.92
N LEU C 131 -9.44 7.47 19.84
CA LEU C 131 -9.86 7.85 18.49
C LEU C 131 -11.05 7.05 18.00
N MET C 132 -11.46 6.00 18.71
CA MET C 132 -12.75 5.39 18.41
C MET C 132 -13.86 6.03 19.21
N ALA C 133 -13.56 6.62 20.37
CA ALA C 133 -14.54 7.42 21.08
C ALA C 133 -14.70 8.81 20.47
N VAL C 134 -13.64 9.36 19.88
CA VAL C 134 -13.71 10.68 19.28
C VAL C 134 -14.62 10.66 18.06
N PHE C 135 -14.50 9.64 17.21
CA PHE C 135 -15.22 9.54 15.95
C PHE C 135 -16.47 8.70 16.07
N SER C 136 -17.17 8.78 17.19
CA SER C 136 -18.43 8.09 17.38
C SER C 136 -19.57 9.09 17.29
N ASP C 137 -20.58 8.75 16.50
CA ASP C 137 -21.72 9.64 16.29
C ASP C 137 -22.78 9.51 17.36
N LYS C 138 -22.68 8.53 18.25
CA LYS C 138 -23.66 8.34 19.31
C LYS C 138 -23.43 9.24 20.52
N GLY C 139 -22.42 10.09 20.50
CA GLY C 139 -22.21 11.04 21.57
C GLY C 139 -21.48 10.46 22.76
N ASP C 140 -21.61 11.11 23.91
CA ASP C 140 -20.85 10.77 25.10
C ASP C 140 -21.53 9.64 25.87
N TYR C 141 -20.70 8.83 26.54
CA TYR C 141 -21.16 7.75 27.42
C TYR C 141 -22.09 6.78 26.69
N TYR C 142 -21.73 6.44 25.47
CA TYR C 142 -22.35 5.34 24.73
C TYR C 142 -21.60 4.08 25.14
N TRP C 143 -22.11 3.40 26.17
CA TRP C 143 -21.36 2.32 26.79
C TRP C 143 -21.10 1.16 25.84
N TRP C 144 -21.98 0.91 24.89
CA TRP C 144 -21.76 -0.15 23.91
C TRP C 144 -20.47 0.05 23.13
N LEU C 145 -20.01 1.30 22.99
CA LEU C 145 -18.76 1.56 22.29
C LEU C 145 -17.58 0.90 22.98
N LEU C 146 -17.70 0.56 24.27
CA LEU C 146 -16.60 -0.13 24.93
C LEU C 146 -16.45 -1.55 24.43
N LEU C 147 -17.48 -2.11 23.79
CA LEU C 147 -17.35 -3.47 23.26
C LEU C 147 -16.33 -3.54 22.12
N PRO C 148 -16.37 -2.68 21.10
CA PRO C 148 -15.28 -2.71 20.11
C PRO C 148 -13.98 -2.14 20.64
N VAL C 149 -14.03 -1.16 21.54
CA VAL C 149 -12.80 -0.59 22.10
C VAL C 149 -11.93 -1.69 22.69
N ILE C 150 -12.55 -2.65 23.38
CA ILE C 150 -11.82 -3.81 23.84
C ILE C 150 -11.28 -4.61 22.67
N ILE C 151 -12.17 -5.03 21.76
CA ILE C 151 -11.79 -6.01 20.75
C ILE C 151 -10.68 -5.49 19.86
N MET C 152 -10.86 -4.29 19.30
CA MET C 152 -9.82 -3.71 18.46
C MET C 152 -8.53 -3.46 19.23
N SER C 153 -8.62 -3.16 20.52
CA SER C 153 -7.41 -3.04 21.33
C SER C 153 -6.62 -4.33 21.35
N MET C 154 -7.30 -5.47 21.42
CA MET C 154 -6.62 -6.75 21.36
C MET C 154 -5.84 -6.92 20.06
N SER C 155 -6.21 -6.19 19.01
CA SER C 155 -5.50 -6.31 17.75
C SER C 155 -4.29 -5.41 17.67
N CYS C 156 -4.01 -4.62 18.69
CA CYS C 156 -2.85 -3.74 18.63
C CYS C 156 -1.55 -4.51 18.88
N PRO C 157 -1.45 -5.35 19.93
CA PRO C 157 -0.20 -6.11 20.09
C PRO C 157 0.10 -7.01 18.90
N ILE C 158 -0.91 -7.69 18.36
CA ILE C 158 -0.70 -8.56 17.21
C ILE C 158 -0.01 -7.82 16.09
N LEU C 159 -0.64 -6.74 15.59
CA LEU C 159 0.00 -5.92 14.58
C LEU C 159 1.36 -5.42 15.05
N SER C 160 1.43 -4.97 16.30
CA SER C 160 2.72 -4.50 16.84
C SER C 160 3.79 -5.57 16.67
N SER C 161 3.44 -6.82 16.92
CA SER C 161 4.40 -7.89 16.68
C SER C 161 4.66 -8.06 15.20
N ALA C 162 3.58 -8.12 14.40
CA ALA C 162 3.74 -8.44 12.99
C ALA C 162 4.64 -7.43 12.28
N LEU C 163 4.30 -6.16 12.40
CA LEU C 163 5.14 -5.12 11.82
C LEU C 163 6.57 -5.21 12.33
N GLY C 164 6.74 -5.56 13.61
CA GLY C 164 8.09 -5.74 14.12
C GLY C 164 8.88 -6.75 13.32
N THR C 165 8.27 -7.90 13.03
CA THR C 165 8.94 -8.91 12.21
C THR C 165 9.29 -8.35 10.85
N ILE C 166 8.44 -7.49 10.30
CA ILE C 166 8.74 -6.87 9.01
C ILE C 166 9.87 -5.86 9.16
N PHE C 167 9.91 -5.14 10.27
CA PHE C 167 10.77 -3.97 10.38
C PHE C 167 12.13 -4.27 10.98
N SER C 168 12.27 -5.37 11.73
CA SER C 168 13.55 -5.68 12.33
C SER C 168 14.66 -5.91 11.31
N LYS C 169 14.29 -6.15 10.05
CA LYS C 169 15.30 -6.27 9.00
C LYS C 169 16.06 -4.98 8.79
N TRP C 170 15.38 -3.84 8.94
CA TRP C 170 16.01 -2.55 8.73
C TRP C 170 16.29 -1.81 10.02
N ASP C 171 16.14 -2.49 11.16
CA ASP C 171 16.29 -1.84 12.46
C ASP C 171 15.34 -0.64 12.43
N LEU C 172 14.11 -0.89 12.00
CA LEU C 172 13.15 0.20 11.85
C LEU C 172 12.07 0.10 12.91
N PRO C 173 11.71 1.25 13.57
CA PRO C 173 10.61 1.20 14.54
C PRO C 173 9.23 1.17 13.94
N VAL C 174 8.30 0.46 14.56
CA VAL C 174 6.92 0.47 14.11
C VAL C 174 6.26 1.36 15.09
N PHE C 175 6.06 2.63 14.80
CA PHE C 175 5.52 3.52 15.85
C PHE C 175 4.15 4.11 15.63
N THR C 176 3.12 3.53 16.28
CA THR C 176 1.74 4.00 16.16
C THR C 176 1.12 3.48 14.86
N LEU C 177 1.92 2.71 14.11
CA LEU C 177 1.41 2.11 12.89
C LEU C 177 0.27 1.12 13.14
N PRO C 178 0.38 0.27 14.20
CA PRO C 178 -0.77 -0.61 14.42
C PRO C 178 -2.03 0.17 14.77
N PHE C 179 -1.91 1.24 15.56
CA PHE C 179 -3.11 2.04 15.84
C PHE C 179 -3.75 2.52 14.55
N ASN C 180 -2.94 2.98 13.59
CA ASN C 180 -3.49 3.45 12.33
C ASN C 180 -4.27 2.35 11.63
N ILE C 181 -3.67 1.17 11.54
CA ILE C 181 -4.31 0.05 10.85
C ILE C 181 -5.58 -0.37 11.57
N THR C 182 -5.51 -0.48 12.90
CA THR C 182 -6.67 -0.94 13.67
C THR C 182 -7.82 0.06 13.58
N VAL C 183 -7.53 1.35 13.74
CA VAL C 183 -8.60 2.35 13.73
C VAL C 183 -9.15 2.56 12.32
N THR C 184 -8.29 2.51 11.31
CA THR C 184 -8.80 2.56 9.94
C THR C 184 -9.69 1.36 9.65
N LEU C 185 -9.29 0.18 10.12
CA LEU C 185 -10.12 -1.02 9.99
C LEU C 185 -11.48 -0.80 10.64
N TYR C 186 -11.50 -0.30 11.87
CA TYR C 186 -12.77 -0.13 12.58
C TYR C 186 -13.64 0.93 11.91
N LEU C 187 -13.07 2.08 11.59
CA LEU C 187 -13.86 3.17 11.02
C LEU C 187 -14.35 2.84 9.63
N ALA C 188 -13.61 2.02 8.87
CA ALA C 188 -14.10 1.58 7.57
C ALA C 188 -15.17 0.50 7.71
N ALA C 189 -14.99 -0.43 8.66
CA ALA C 189 -15.98 -1.48 8.85
C ALA C 189 -17.32 -0.90 9.30
N THR C 190 -17.29 0.05 10.22
CA THR C 190 -18.54 0.63 10.71
C THR C 190 -19.07 1.69 9.76
N GLY C 191 -18.32 2.77 9.58
CA GLY C 191 -18.75 3.84 8.70
C GLY C 191 -19.84 4.70 9.33
N HIS C 192 -20.14 5.81 8.64
CA HIS C 192 -21.14 6.73 9.17
C HIS C 192 -22.54 6.14 9.13
N TYR C 193 -22.80 5.19 8.24
CA TYR C 193 -24.12 4.62 8.06
C TYR C 193 -24.25 3.27 8.75
N ASN C 194 -23.61 3.10 9.90
CA ASN C 194 -23.73 1.86 10.65
C ASN C 194 -24.91 1.94 11.60
N LEU C 195 -25.56 0.79 11.82
CA LEU C 195 -26.71 0.76 12.72
C LEU C 195 -26.29 0.78 14.18
N PHE C 196 -25.15 0.16 14.52
CA PHE C 196 -24.74 -0.02 15.89
C PHE C 196 -23.73 1.03 16.36
N PHE C 197 -22.64 1.21 15.63
CA PHE C 197 -21.56 2.13 16.02
C PHE C 197 -21.28 3.08 14.87
N PRO C 198 -22.18 4.03 14.60
CA PRO C 198 -21.94 4.98 13.51
C PRO C 198 -20.81 5.93 13.85
N THR C 199 -20.12 6.39 12.81
CA THR C 199 -19.02 7.33 12.96
C THR C 199 -19.39 8.67 12.34
N THR C 200 -18.65 9.70 12.74
CA THR C 200 -18.91 11.04 12.20
C THR C 200 -18.63 11.07 10.71
N LEU C 201 -19.38 11.91 10.01
CA LEU C 201 -19.31 11.96 8.55
C LEU C 201 -18.14 12.82 8.12
N LEU C 202 -17.23 12.23 7.35
CA LEU C 202 -16.17 12.95 6.66
C LEU C 202 -16.31 12.73 5.17
N GLN C 203 -16.36 13.81 4.42
CA GLN C 203 -16.55 13.72 2.98
C GLN C 203 -15.56 14.64 2.28
N PRO C 204 -15.14 14.29 1.07
CA PRO C 204 -14.11 15.10 0.40
C PRO C 204 -14.60 16.50 0.09
N ALA C 205 -13.68 17.44 0.07
CA ALA C 205 -14.01 18.82 -0.26
C ALA C 205 -14.55 18.91 -1.67
N SER C 206 -15.71 19.55 -1.83
CA SER C 206 -16.36 19.68 -3.12
C SER C 206 -16.62 21.13 -3.50
N ALA C 207 -16.07 22.09 -2.76
CA ALA C 207 -16.25 23.50 -3.06
C ALA C 207 -14.98 24.25 -2.69
N MET C 208 -14.75 25.35 -3.37
CA MET C 208 -13.58 26.18 -3.10
C MET C 208 -13.79 26.91 -1.78
N PRO C 209 -12.85 26.80 -0.83
CA PRO C 209 -13.09 27.38 0.49
C PRO C 209 -13.09 28.90 0.46
N ASN C 210 -13.86 29.48 1.36
CA ASN C 210 -13.95 30.93 1.50
C ASN C 210 -13.05 31.34 2.65
N ILE C 211 -11.85 31.83 2.31
CA ILE C 211 -10.85 32.23 3.29
C ILE C 211 -10.68 33.73 3.19
N THR C 212 -10.86 34.43 4.31
CA THR C 212 -10.64 35.86 4.40
C THR C 212 -9.40 36.09 5.25
N TRP C 213 -8.30 36.47 4.59
CA TRP C 213 -7.04 36.64 5.30
C TRP C 213 -7.00 37.86 6.19
N SER C 214 -7.99 38.75 6.08
CA SER C 214 -8.12 39.86 7.02
C SER C 214 -8.77 39.44 8.32
N GLU C 215 -9.38 38.26 8.36
CA GLU C 215 -10.05 37.75 9.55
C GLU C 215 -9.22 36.73 10.31
N VAL C 216 -7.95 36.53 9.92
CA VAL C 216 -7.09 35.59 10.62
C VAL C 216 -6.76 36.15 12.00
N GLN C 217 -6.76 35.29 13.00
CA GLN C 217 -6.51 35.67 14.39
C GLN C 217 -5.14 35.14 14.79
N VAL C 218 -4.17 36.04 14.92
CA VAL C 218 -2.84 35.63 15.38
C VAL C 218 -2.87 34.99 16.76
N PRO C 219 -3.63 35.50 17.74
CA PRO C 219 -3.66 34.81 19.05
C PRO C 219 -4.12 33.36 18.96
N LEU C 220 -5.20 33.08 18.22
CA LEU C 220 -5.61 31.69 18.06
C LEU C 220 -4.61 30.90 17.21
N LEU C 221 -3.98 31.58 16.24
CA LEU C 221 -3.00 30.91 15.41
C LEU C 221 -1.81 30.43 16.24
N LEU C 222 -1.43 31.22 17.25
CA LEU C 222 -0.40 30.80 18.20
C LEU C 222 -0.93 29.75 19.17
N ARG C 223 -2.17 29.93 19.65
CA ARG C 223 -2.77 28.95 20.55
C ARG C 223 -2.94 27.59 19.89
N ALA C 224 -2.85 27.53 18.56
CA ALA C 224 -2.87 26.26 17.86
C ALA C 224 -1.66 25.39 18.15
N ILE C 225 -0.62 25.93 18.80
CA ILE C 225 0.56 25.14 19.14
C ILE C 225 0.24 24.17 20.28
N PRO C 226 -0.19 24.62 21.47
CA PRO C 226 -0.59 23.62 22.48
C PRO C 226 -1.76 22.76 22.05
N VAL C 227 -2.71 23.33 21.30
CA VAL C 227 -3.82 22.53 20.80
C VAL C 227 -3.31 21.48 19.82
N GLY C 228 -2.34 21.84 18.98
CA GLY C 228 -1.73 20.85 18.11
C GLY C 228 -1.01 19.77 18.88
N ILE C 229 -0.38 20.13 19.99
CA ILE C 229 0.25 19.13 20.85
C ILE C 229 -0.80 18.17 21.40
N GLY C 230 -1.91 18.73 21.90
CA GLY C 230 -2.96 17.91 22.48
C GLY C 230 -3.71 17.08 21.48
N GLN C 231 -3.72 17.48 20.21
CA GLN C 231 -4.42 16.74 19.18
C GLN C 231 -3.79 15.38 18.90
N VAL C 232 -2.58 15.12 19.42
CA VAL C 232 -1.98 13.80 19.25
C VAL C 232 -2.88 12.73 19.84
N TYR C 233 -3.45 13.00 21.02
CA TYR C 233 -4.40 12.08 21.65
C TYR C 233 -5.83 12.30 21.19
N GLY C 234 -6.09 13.29 20.34
CA GLY C 234 -7.43 13.60 19.90
C GLY C 234 -8.12 14.71 20.66
N CYS C 235 -7.41 15.36 21.57
CA CYS C 235 -8.01 16.39 22.42
C CYS C 235 -7.74 17.78 21.84
N ASP C 236 -8.78 18.61 21.82
CA ASP C 236 -8.69 19.95 21.25
C ASP C 236 -8.69 21.05 22.30
N ASN C 237 -8.70 20.71 23.57
CA ASN C 237 -8.69 21.70 24.63
C ASN C 237 -7.31 22.31 24.77
N PRO C 238 -7.18 23.64 24.80
CA PRO C 238 -5.86 24.23 25.05
C PRO C 238 -5.25 23.83 26.38
N TRP C 239 -6.06 23.65 27.41
CA TRP C 239 -5.53 23.30 28.72
C TRP C 239 -4.91 21.90 28.71
N THR C 240 -5.54 20.95 28.04
CA THR C 240 -4.94 19.61 27.97
C THR C 240 -3.68 19.63 27.12
N GLY C 241 -3.60 20.53 26.13
CA GLY C 241 -2.36 20.68 25.39
C GLY C 241 -1.24 21.22 26.25
N GLY C 242 -1.54 22.22 27.08
CA GLY C 242 -0.54 22.70 28.02
C GLY C 242 -0.13 21.64 29.03
N ILE C 243 -1.08 20.83 29.47
CA ILE C 243 -0.77 19.73 30.37
C ILE C 243 0.15 18.72 29.70
N PHE C 244 -0.11 18.43 28.42
CA PHE C 244 0.76 17.52 27.68
C PHE C 244 2.17 18.10 27.53
N LEU C 245 2.27 19.40 27.27
CA LEU C 245 3.59 20.03 27.18
C LEU C 245 4.32 19.93 28.51
N ILE C 246 3.62 20.15 29.62
CA ILE C 246 4.25 20.03 30.93
C ILE C 246 4.72 18.61 31.16
N ALA C 247 3.89 17.63 30.82
CA ALA C 247 4.27 16.23 30.99
C ALA C 247 5.48 15.87 30.15
N LEU C 248 5.56 16.41 28.93
CA LEU C 248 6.74 16.20 28.11
C LEU C 248 7.97 16.82 28.75
N PHE C 249 7.83 18.02 29.31
CA PHE C 249 8.98 18.69 29.92
C PHE C 249 9.46 17.95 31.16
N ILE C 250 8.56 17.29 31.88
CA ILE C 250 8.98 16.55 33.08
C ILE C 250 10.02 15.50 32.73
N SER C 251 9.77 14.73 31.66
CA SER C 251 10.68 13.65 31.31
C SER C 251 11.96 14.19 30.67
N SER C 252 11.82 14.95 29.59
CA SER C 252 12.98 15.48 28.89
C SER C 252 12.63 16.77 28.17
N PRO C 253 13.32 17.88 28.46
CA PRO C 253 12.99 19.15 27.82
C PRO C 253 13.12 19.14 26.30
N LEU C 254 14.04 18.35 25.75
CA LEU C 254 14.21 18.32 24.30
C LEU C 254 12.96 17.84 23.60
N ILE C 255 12.27 16.85 24.20
CA ILE C 255 11.03 16.35 23.59
C ILE C 255 9.97 17.45 23.58
N CYS C 256 9.88 18.23 24.65
CA CYS C 256 8.92 19.33 24.70
C CYS C 256 9.24 20.39 23.65
N LEU C 257 10.52 20.76 23.54
CA LEU C 257 10.92 21.75 22.55
C LEU C 257 10.62 21.27 21.14
N HIS C 258 10.94 20.01 20.84
CA HIS C 258 10.68 19.49 19.51
C HIS C 258 9.20 19.32 19.25
N ALA C 259 8.41 19.03 20.28
CA ALA C 259 6.97 18.98 20.10
C ALA C 259 6.41 20.34 19.74
N ALA C 260 6.82 21.38 20.46
CA ALA C 260 6.34 22.73 20.14
C ALA C 260 6.79 23.15 18.75
N ILE C 261 8.03 22.85 18.39
CA ILE C 261 8.54 23.20 17.06
C ILE C 261 7.77 22.45 15.98
N GLY C 262 7.50 21.17 16.19
CA GLY C 262 6.76 20.41 15.20
C GLY C 262 5.33 20.91 15.04
N SER C 263 4.68 21.26 16.15
CA SER C 263 3.32 21.81 16.06
C SER C 263 3.30 23.13 15.30
N THR C 264 4.25 24.01 15.60
CA THR C 264 4.25 25.30 14.90
C THR C 264 4.64 25.12 13.43
N MET C 265 5.49 24.13 13.11
CA MET C 265 5.79 23.86 11.71
C MET C 265 4.59 23.28 10.98
N GLY C 266 3.80 22.43 11.65
CA GLY C 266 2.58 21.95 11.03
C GLY C 266 1.60 23.08 10.75
N MET C 267 1.45 24.00 11.70
CA MET C 267 0.58 25.15 11.48
C MET C 267 1.09 26.01 10.32
N LEU C 268 2.38 26.31 10.30
CA LEU C 268 2.94 27.14 9.23
C LEU C 268 2.80 26.46 7.87
N ALA C 269 3.03 25.15 7.81
CA ALA C 269 2.88 24.43 6.56
C ALA C 269 1.42 24.36 6.11
N ALA C 270 0.48 24.30 7.05
CA ALA C 270 -0.93 24.37 6.70
C ALA C 270 -1.34 25.74 6.17
N LEU C 271 -0.74 26.81 6.69
CA LEU C 271 -1.06 28.14 6.15
C LEU C 271 -0.60 28.30 4.71
N THR C 272 0.48 27.61 4.31
CA THR C 272 1.06 27.84 3.00
C THR C 272 0.25 27.24 1.87
N ILE C 273 -0.66 26.31 2.15
CA ILE C 273 -1.52 25.73 1.12
C ILE C 273 -2.97 26.19 1.31
N ALA C 274 -3.17 27.30 2.01
CA ALA C 274 -4.50 27.90 2.19
C ALA C 274 -5.47 26.91 2.83
N THR C 275 -5.03 26.29 3.91
CA THR C 275 -5.93 25.48 4.73
C THR C 275 -6.93 26.40 5.42
N PRO C 276 -8.20 25.99 5.52
CA PRO C 276 -9.16 26.81 6.27
C PRO C 276 -8.70 27.02 7.70
N PHE C 277 -8.95 28.24 8.21
CA PHE C 277 -8.44 28.60 9.53
C PHE C 277 -9.07 27.77 10.63
N ASP C 278 -10.25 27.21 10.39
CA ASP C 278 -10.91 26.39 11.41
C ASP C 278 -10.10 25.13 11.69
N SER C 279 -9.53 24.51 10.65
CA SER C 279 -8.71 23.33 10.86
C SER C 279 -7.43 23.68 11.61
N ILE C 280 -6.82 24.83 11.31
CA ILE C 280 -5.58 25.22 11.97
C ILE C 280 -5.84 25.54 13.43
N TYR C 281 -6.88 26.32 13.72
CA TYR C 281 -7.19 26.68 15.10
C TYR C 281 -7.50 25.43 15.92
N PHE C 282 -8.16 24.45 15.32
CA PHE C 282 -8.52 23.23 16.01
C PHE C 282 -7.34 22.32 16.29
N GLY C 283 -6.16 22.63 15.73
CA GLY C 283 -4.99 21.79 15.93
C GLY C 283 -4.94 20.56 15.06
N LEU C 284 -5.89 20.39 14.14
CA LEU C 284 -5.90 19.22 13.27
C LEU C 284 -4.75 19.21 12.27
N CYS C 285 -4.04 20.32 12.11
CA CYS C 285 -2.98 20.40 11.10
C CYS C 285 -1.58 20.27 11.69
N GLY C 286 -1.46 19.94 12.97
CA GLY C 286 -0.14 19.92 13.59
C GLY C 286 0.13 18.83 14.60
N PHE C 287 -0.55 17.68 14.52
CA PHE C 287 -0.22 16.60 15.44
C PHE C 287 0.69 15.57 14.79
N ASN C 288 0.48 15.27 13.50
CA ASN C 288 1.45 14.46 12.78
C ASN C 288 2.80 15.15 12.75
N SER C 289 2.80 16.47 12.56
CA SER C 289 4.06 17.22 12.51
C SER C 289 4.79 17.17 13.85
N THR C 290 4.07 17.35 14.96
CA THR C 290 4.75 17.31 16.25
C THR C 290 5.27 15.91 16.56
N LEU C 291 4.51 14.87 16.21
CA LEU C 291 5.01 13.52 16.41
C LEU C 291 6.26 13.26 15.58
N ALA C 292 6.27 13.71 14.31
CA ALA C 292 7.43 13.50 13.47
C ALA C 292 8.64 14.28 13.96
N CYS C 293 8.42 15.52 14.42
CA CYS C 293 9.53 16.30 14.96
C CYS C 293 10.09 15.67 16.23
N ILE C 294 9.23 15.14 17.09
CA ILE C 294 9.71 14.43 18.28
C ILE C 294 10.52 13.21 17.87
N ALA C 295 10.03 12.45 16.90
CA ALA C 295 10.69 11.21 16.52
C ALA C 295 12.06 11.46 15.92
N ILE C 296 12.15 12.37 14.94
CA ILE C 296 13.42 12.58 14.25
C ILE C 296 14.31 13.57 14.99
N GLY C 297 13.78 14.29 15.97
CA GLY C 297 14.52 15.34 16.64
C GLY C 297 15.77 14.88 17.36
N GLY C 298 15.59 14.14 18.44
CA GLY C 298 16.73 13.69 19.20
C GLY C 298 16.59 12.28 19.72
N MET C 299 15.47 11.64 19.43
CA MET C 299 15.24 10.30 19.92
C MET C 299 15.90 9.28 19.01
N PHE C 300 15.34 9.11 17.84
CA PHE C 300 15.83 8.06 16.95
C PHE C 300 17.07 8.48 16.19
N TYR C 301 17.44 9.75 16.26
CA TYR C 301 18.72 10.26 15.80
C TYR C 301 19.42 10.92 16.98
N VAL C 302 20.74 10.96 16.94
CA VAL C 302 21.46 11.71 17.96
C VAL C 302 21.28 13.20 17.70
N ILE C 303 20.87 13.94 18.74
CA ILE C 303 20.47 15.32 18.55
C ILE C 303 21.67 16.16 18.14
N THR C 304 21.53 16.89 17.05
CA THR C 304 22.55 17.79 16.53
C THR C 304 21.82 18.83 15.68
N TRP C 305 22.50 19.95 15.41
CA TRP C 305 21.88 20.99 14.60
C TRP C 305 21.51 20.46 13.22
N GLN C 306 22.35 19.60 12.65
CA GLN C 306 21.98 18.91 11.41
C GLN C 306 20.73 18.07 11.62
N THR C 307 20.68 17.33 12.73
CA THR C 307 19.50 16.52 13.02
C THR C 307 18.31 17.39 13.41
N HIS C 308 18.55 18.55 14.01
CA HIS C 308 17.45 19.48 14.28
C HIS C 308 16.82 19.97 12.97
N LEU C 309 17.66 20.33 11.99
CA LEU C 309 17.12 20.74 10.69
C LEU C 309 16.42 19.57 10.00
N LEU C 310 16.96 18.36 10.14
CA LEU C 310 16.29 17.18 9.58
C LEU C 310 14.93 16.98 10.22
N ALA C 311 14.82 17.20 11.53
CA ALA C 311 13.55 17.08 12.22
C ALA C 311 12.56 18.13 11.75
N ILE C 312 13.02 19.36 11.54
CA ILE C 312 12.13 20.40 11.04
C ILE C 312 11.64 20.06 9.63
N ALA C 313 12.53 19.55 8.79
CA ALA C 313 12.14 19.13 7.44
C ALA C 313 11.15 17.97 7.51
N CYS C 314 11.35 17.05 8.44
CA CYS C 314 10.41 15.94 8.60
C CYS C 314 9.06 16.43 9.09
N ALA C 315 9.04 17.43 9.96
CA ALA C 315 7.78 18.00 10.41
C ALA C 315 7.03 18.64 9.26
N LEU C 316 7.74 19.39 8.41
CA LEU C 316 7.10 19.99 7.24
C LEU C 316 6.57 18.92 6.29
N PHE C 317 7.36 17.88 6.02
CA PHE C 317 6.93 16.82 5.14
C PHE C 317 5.74 16.08 5.72
N ALA C 318 5.72 15.88 7.04
CA ALA C 318 4.59 15.22 7.69
C ALA C 318 3.34 16.07 7.62
N ALA C 319 3.49 17.40 7.73
CA ALA C 319 2.32 18.27 7.59
C ALA C 319 1.75 18.21 6.18
N TYR C 320 2.62 18.26 5.17
CA TYR C 320 2.11 18.19 3.79
C TYR C 320 1.51 16.83 3.48
N LEU C 321 2.15 15.75 3.95
CA LEU C 321 1.57 14.43 3.81
C LEU C 321 0.27 14.31 4.59
N GLY C 322 0.13 15.04 5.70
CA GLY C 322 -1.12 15.05 6.43
C GLY C 322 -2.22 15.70 5.65
N ALA C 323 -1.94 16.81 5.00
CA ALA C 323 -2.93 17.41 4.11
C ALA C 323 -3.31 16.46 2.99
N ALA C 324 -2.31 15.82 2.38
CA ALA C 324 -2.57 14.90 1.27
C ALA C 324 -3.45 13.73 1.72
N LEU C 325 -3.11 13.12 2.85
CA LEU C 325 -3.87 11.98 3.33
C LEU C 325 -5.23 12.37 3.90
N ALA C 326 -5.36 13.57 4.46
CA ALA C 326 -6.68 14.05 4.86
C ALA C 326 -7.58 14.24 3.65
N ASN C 327 -7.02 14.70 2.53
CA ASN C 327 -7.82 14.85 1.33
C ASN C 327 -8.10 13.53 0.64
N MET C 328 -7.20 12.54 0.78
CA MET C 328 -7.39 11.27 0.11
C MET C 328 -8.27 10.30 0.90
N LEU C 329 -7.95 10.10 2.18
CA LEU C 329 -8.71 9.18 3.02
C LEU C 329 -10.13 9.65 3.26
N SER C 330 -10.39 10.96 3.14
CA SER C 330 -11.76 11.45 3.34
C SER C 330 -12.70 10.97 2.25
N VAL C 331 -12.16 10.46 1.14
CA VAL C 331 -13.02 9.83 0.13
C VAL C 331 -13.72 8.62 0.70
N PHE C 332 -13.00 7.81 1.49
CA PHE C 332 -13.60 6.67 2.17
C PHE C 332 -14.37 7.07 3.42
N GLY C 333 -14.30 8.33 3.84
CA GLY C 333 -14.87 8.76 5.09
C GLY C 333 -13.96 8.64 6.29
N LEU C 334 -12.72 8.23 6.10
CA LEU C 334 -11.76 8.04 7.18
C LEU C 334 -10.88 9.27 7.36
N PRO C 335 -10.44 9.53 8.58
CA PRO C 335 -9.55 10.67 8.83
C PRO C 335 -8.10 10.25 8.75
N PRO C 336 -7.17 11.20 8.65
CA PRO C 336 -5.75 10.87 8.79
C PRO C 336 -5.39 10.74 10.26
N CYS C 337 -5.25 9.51 10.72
CA CYS C 337 -4.99 9.24 12.13
C CYS C 337 -3.55 8.75 12.24
N THR C 338 -2.62 9.68 12.35
CA THR C 338 -1.20 9.43 12.59
C THR C 338 -0.54 8.66 11.44
N TRP C 339 -1.27 8.39 10.36
CA TRP C 339 -0.65 7.88 9.14
C TRP C 339 0.47 8.77 8.64
N PRO C 340 0.31 10.10 8.51
CA PRO C 340 1.41 10.92 8.01
C PRO C 340 2.65 10.87 8.87
N PHE C 341 2.48 10.87 10.20
CA PHE C 341 3.63 10.77 11.08
C PHE C 341 4.41 9.48 10.81
N CYS C 342 3.70 8.35 10.76
CA CYS C 342 4.38 7.08 10.55
C CYS C 342 5.10 7.07 9.21
N LEU C 343 4.42 7.49 8.15
CA LEU C 343 5.04 7.44 6.83
C LEU C 343 6.25 8.35 6.73
N SER C 344 6.15 9.58 7.23
CA SER C 344 7.26 10.52 7.11
C SER C 344 8.42 10.14 8.04
N ALA C 345 8.11 9.65 9.25
CA ALA C 345 9.18 9.22 10.14
C ALA C 345 9.91 8.00 9.58
N LEU C 346 9.17 7.06 8.97
CA LEU C 346 9.84 5.94 8.31
C LEU C 346 10.70 6.41 7.14
N THR C 347 10.16 7.32 6.31
CA THR C 347 10.95 7.76 5.17
C THR C 347 12.11 8.66 5.56
N PHE C 348 12.14 9.17 6.78
CA PHE C 348 13.28 9.95 7.26
C PHE C 348 14.22 9.15 8.14
N LEU C 349 13.82 7.95 8.58
CA LEU C 349 14.74 7.07 9.29
C LEU C 349 15.45 6.10 8.37
N LEU C 350 14.91 5.84 7.20
CA LEU C 350 15.59 5.04 6.18
C LEU C 350 16.57 5.86 5.37
N LEU C 351 16.55 7.18 5.50
CA LEU C 351 17.46 8.04 4.77
C LEU C 351 18.90 7.73 5.16
N THR C 352 19.77 7.55 4.16
CA THR C 352 21.18 7.31 4.37
C THR C 352 21.97 8.55 3.99
N THR C 353 22.77 9.05 4.91
CA THR C 353 23.49 10.30 4.74
C THR C 353 24.93 10.12 5.19
N ASN C 354 25.86 10.59 4.37
CA ASN C 354 27.27 10.25 4.56
C ASN C 354 27.89 10.94 5.77
N ASN C 355 27.46 12.17 6.08
CA ASN C 355 28.16 12.92 7.12
C ASN C 355 27.92 12.28 8.48
N PRO C 356 28.90 12.35 9.40
CA PRO C 356 28.75 11.65 10.68
C PRO C 356 27.82 12.34 11.66
N ALA C 357 27.39 13.57 11.39
CA ALA C 357 26.51 14.26 12.33
C ALA C 357 25.13 13.61 12.39
N ILE C 358 24.60 13.19 11.25
CA ILE C 358 23.29 12.56 11.19
C ILE C 358 23.50 11.08 11.49
N TYR C 359 23.41 10.73 12.76
CA TYR C 359 23.65 9.37 13.24
C TYR C 359 22.35 8.78 13.74
N LYS C 360 21.99 7.60 13.25
CA LYS C 360 20.80 6.90 13.67
C LYS C 360 21.15 5.86 14.72
N LEU C 361 20.44 5.87 15.84
CA LEU C 361 20.73 4.97 16.94
C LEU C 361 20.04 3.63 16.75
N PRO C 362 20.75 2.55 17.21
CA PRO C 362 20.11 1.27 17.11
C PRO C 362 18.94 1.32 18.02
N LEU C 363 17.87 0.66 17.67
CA LEU C 363 16.71 0.78 18.48
C LEU C 363 17.02 0.26 19.84
N SER C 364 17.91 -0.68 20.02
CA SER C 364 18.12 -1.23 21.35
C SER C 364 18.48 -0.16 22.34
N LYS C 365 19.25 0.83 21.91
CA LYS C 365 19.70 1.88 22.79
C LYS C 365 18.99 3.24 22.76
N VAL C 366 17.84 3.34 22.09
CA VAL C 366 17.08 4.59 22.10
C VAL C 366 16.29 4.67 23.38
N THR C 367 16.44 5.75 24.14
CA THR C 367 15.70 5.95 25.37
C THR C 367 15.07 7.34 25.32
N TYR C 368 15.83 8.40 25.55
CA TYR C 368 15.31 9.75 25.40
C TYR C 368 16.45 10.65 24.93
N PRO C 369 16.13 11.78 24.28
CA PRO C 369 17.17 12.49 23.51
C PRO C 369 18.42 12.87 24.28
N GLU C 370 18.27 13.30 25.54
CA GLU C 370 19.44 13.69 26.31
C GLU C 370 20.32 12.48 26.65
N ALA C 371 19.69 11.39 27.09
CA ALA C 371 20.45 10.17 27.31
C ALA C 371 21.02 9.62 26.02
N ASN C 372 20.31 9.80 24.91
CA ASN C 372 20.83 9.38 23.61
C ASN C 372 22.13 10.11 23.28
N ARG C 373 22.13 11.44 23.45
CA ARG C 373 23.34 12.20 23.19
C ARG C 373 24.46 11.81 24.15
N ILE C 374 24.13 11.61 25.44
CA ILE C 374 25.15 11.23 26.40
C ILE C 374 25.78 9.90 26.01
N TYR C 375 24.96 8.93 25.62
CA TYR C 375 25.48 7.64 25.19
C TYR C 375 26.32 7.77 23.93
N TYR C 376 25.89 8.59 22.98
CA TYR C 376 26.65 8.72 21.73
C TYR C 376 28.04 9.29 21.99
N LEU C 377 28.12 10.34 22.82
CA LEU C 377 29.43 10.87 23.17
C LEU C 377 30.25 9.89 23.99
N SER C 378 29.60 9.11 24.85
CA SER C 378 30.33 8.08 25.60
C SER C 378 30.93 7.03 24.67
N GLN C 379 30.17 6.62 23.65
CA GLN C 379 30.65 5.60 22.72
C GLN C 379 31.75 6.15 21.82
N GLU C 380 31.61 7.40 21.36
CA GLU C 380 32.61 7.98 20.47
C GLU C 380 33.95 8.12 21.17
N ARG C 381 33.94 8.55 22.43
CA ARG C 381 35.19 8.71 23.19
C ARG C 381 35.51 7.45 23.97
#